data_2MXF
#
_entry.id   2MXF
#
loop_
_entity.id
_entity.type
_entity.pdbx_description
1 polymer MvaT
2 polymer "5'-D(*CP*GP*CP*AP*TP*AP*TP*AP*TP*GP*CP*G)-3'"
#
loop_
_entity_poly.entity_id
_entity_poly.type
_entity_poly.pdbx_seq_one_letter_code
_entity_poly.pdbx_strand_id
1 'polypeptide(L)' MKRARKVKQYKNPHTGEVIETKGGNHKTLKEWKAKWGPEAVESWATLLGHHHHHH A
2 'polydeoxyribonucleotide' (DC)(DG)(DC)(DA)(DT)(DA)(DT)(DA)(DT)(DG)(DC)(DG) B,C
#
# COMPACT_ATOMS: atom_id res chain seq x y z
N ALA A 4 3.33 1.66 -17.75
CA ALA A 4 4.62 1.66 -17.00
C ALA A 4 4.44 1.08 -15.60
N ARG A 5 5.53 0.58 -14.99
CA ARG A 5 5.61 0.08 -13.60
C ARG A 5 5.47 1.21 -12.55
N LYS A 6 4.35 1.93 -12.61
CA LYS A 6 3.91 3.02 -11.73
C LYS A 6 3.90 2.58 -10.27
N VAL A 7 4.52 3.42 -9.46
CA VAL A 7 4.51 3.31 -7.99
C VAL A 7 3.16 3.70 -7.40
N LYS A 8 2.67 2.89 -6.47
CA LYS A 8 1.54 3.20 -5.60
C LYS A 8 2.11 3.43 -4.22
N GLN A 9 1.86 4.62 -3.68
CA GLN A 9 2.12 4.89 -2.28
C GLN A 9 0.86 4.37 -1.58
N TYR A 10 1.05 3.81 -0.40
CA TYR A 10 -0.04 3.38 0.48
C TYR A 10 0.19 4.01 1.85
N LYS A 11 -0.86 4.44 2.53
CA LYS A 11 -0.82 5.04 3.87
C LYS A 11 -1.87 4.38 4.75
N ASN A 12 -1.56 4.14 6.02
CA ASN A 12 -2.42 3.40 6.93
C ASN A 12 -3.08 4.30 8.00
N PRO A 13 -4.42 4.52 7.93
CA PRO A 13 -5.19 5.25 8.93
C PRO A 13 -5.03 4.78 10.40
N HIS A 14 -4.72 3.50 10.61
CA HIS A 14 -4.64 2.85 11.94
C HIS A 14 -3.27 2.97 12.62
N THR A 15 -2.20 3.22 11.87
CA THR A 15 -0.81 3.21 12.37
C THR A 15 -0.02 4.49 12.04
N GLY A 16 -0.47 5.27 11.04
CA GLY A 16 0.25 6.43 10.52
C GLY A 16 1.48 6.08 9.66
N GLU A 17 1.69 4.81 9.31
CA GLU A 17 2.75 4.36 8.43
C GLU A 17 2.36 4.56 6.96
N VAL A 18 3.38 4.65 6.15
CA VAL A 18 3.35 4.84 4.70
C VAL A 18 4.36 3.90 4.04
N ILE A 19 4.09 3.59 2.77
CA ILE A 19 4.90 2.75 1.88
C ILE A 19 4.80 3.29 0.45
N GLU A 20 5.66 2.77 -0.40
CA GLU A 20 5.71 2.97 -1.86
C GLU A 20 6.20 1.68 -2.53
N THR A 21 5.40 1.12 -3.44
CA THR A 21 5.73 -0.13 -4.18
C THR A 21 5.17 -0.05 -5.59
N LYS A 22 5.75 -0.80 -6.55
CA LYS A 22 5.23 -0.92 -7.93
C LYS A 22 4.35 -2.18 -8.10
N GLY A 23 4.04 -2.86 -6.99
CA GLY A 23 3.38 -4.16 -6.89
C GLY A 23 4.16 -5.16 -6.03
N GLY A 24 3.78 -6.42 -6.18
CA GLY A 24 4.48 -7.59 -5.63
C GLY A 24 4.34 -7.83 -4.11
N ASN A 25 4.81 -9.02 -3.72
CA ASN A 25 5.02 -9.46 -2.34
C ASN A 25 6.00 -8.48 -1.66
N HIS A 26 5.45 -7.57 -0.82
CA HIS A 26 6.21 -6.59 -0.03
C HIS A 26 5.75 -6.64 1.43
N LYS A 27 6.70 -6.75 2.38
CA LYS A 27 6.44 -7.05 3.81
C LYS A 27 5.32 -6.24 4.48
N THR A 28 5.48 -4.93 4.63
CA THR A 28 4.47 -4.06 5.31
C THR A 28 3.11 -4.11 4.61
N LEU A 29 3.11 -4.09 3.28
CA LEU A 29 1.90 -4.17 2.44
C LEU A 29 1.12 -5.47 2.70
N LYS A 30 1.83 -6.60 2.89
CA LYS A 30 1.23 -7.89 3.25
C LYS A 30 0.67 -7.90 4.67
N GLU A 31 1.23 -7.18 5.61
CA GLU A 31 0.69 -7.10 6.97
C GLU A 31 -0.63 -6.36 6.99
N TRP A 32 -0.71 -5.26 6.25
CA TRP A 32 -1.94 -4.47 6.15
C TRP A 32 -3.08 -5.25 5.50
N LYS A 33 -2.78 -6.11 4.51
CA LYS A 33 -3.78 -7.04 3.95
C LYS A 33 -4.24 -8.09 4.97
N ALA A 34 -3.34 -8.55 5.84
CA ALA A 34 -3.67 -9.50 6.90
C ALA A 34 -4.58 -8.85 7.94
N LYS A 35 -4.19 -7.65 8.38
CA LYS A 35 -4.77 -6.91 9.48
C LYS A 35 -6.19 -6.38 9.18
N TRP A 36 -6.43 -5.94 7.94
CA TRP A 36 -7.72 -5.32 7.53
C TRP A 36 -8.25 -5.85 6.20
N GLY A 37 -7.48 -5.78 5.11
CA GLY A 37 -7.82 -6.41 3.81
C GLY A 37 -7.28 -5.68 2.57
N PRO A 38 -7.13 -6.38 1.42
CA PRO A 38 -6.59 -5.78 0.20
C PRO A 38 -7.46 -4.65 -0.39
N GLU A 39 -8.78 -4.72 -0.20
CA GLU A 39 -9.73 -3.68 -0.65
C GLU A 39 -9.45 -2.35 0.05
N ALA A 40 -9.27 -2.44 1.36
CA ALA A 40 -8.92 -1.33 2.23
C ALA A 40 -7.60 -0.71 1.80
N VAL A 41 -6.60 -1.58 1.67
CA VAL A 41 -5.22 -1.25 1.36
C VAL A 41 -5.11 -0.50 0.02
N GLU A 42 -5.77 -1.00 -1.03
CA GLU A 42 -5.86 -0.32 -2.32
C GLU A 42 -6.63 1.01 -2.24
N SER A 43 -7.68 1.08 -1.42
CA SER A 43 -8.51 2.28 -1.28
C SER A 43 -7.75 3.45 -0.64
N TRP A 44 -6.77 3.14 0.21
CA TRP A 44 -5.86 4.12 0.80
C TRP A 44 -4.72 4.57 -0.14
N ALA A 45 -4.56 3.97 -1.33
CA ALA A 45 -3.43 4.25 -2.20
C ALA A 45 -3.47 5.63 -2.87
N THR A 46 -2.32 5.92 -3.46
CA THR A 46 -1.91 7.14 -4.15
C THR A 46 -1.01 6.75 -5.32
N LEU A 47 -1.18 7.39 -6.47
CA LEU A 47 -0.44 7.09 -7.69
C LEU A 47 0.74 8.06 -7.83
N LEU A 48 1.94 7.49 -8.00
CA LEU A 48 3.22 8.20 -8.10
C LEU A 48 3.96 7.81 -9.39
N GLY A 49 4.25 8.82 -10.21
CA GLY A 49 4.94 8.67 -11.50
C GLY A 49 6.39 8.15 -11.38
N HIS A 50 7.06 8.49 -10.27
CA HIS A 50 8.44 8.13 -9.91
C HIS A 50 9.43 8.23 -11.10
N ALA A 4 3.54 1.96 -17.91
CA ALA A 4 4.80 1.80 -17.14
C ALA A 4 4.53 1.21 -15.75
N ARG A 5 5.54 0.58 -15.12
CA ARG A 5 5.54 0.06 -13.73
C ARG A 5 5.40 1.18 -12.66
N LYS A 6 4.28 1.91 -12.70
CA LYS A 6 3.86 2.99 -11.80
C LYS A 6 3.88 2.53 -10.36
N VAL A 7 4.46 3.39 -9.53
CA VAL A 7 4.47 3.30 -8.07
C VAL A 7 3.11 3.69 -7.49
N LYS A 8 2.64 2.90 -6.52
CA LYS A 8 1.51 3.24 -5.67
C LYS A 8 2.07 3.45 -4.28
N GLN A 9 1.79 4.62 -3.72
CA GLN A 9 2.03 4.87 -2.32
C GLN A 9 0.79 4.33 -1.61
N TYR A 10 0.99 3.80 -0.42
CA TYR A 10 -0.06 3.35 0.47
C TYR A 10 0.18 3.98 1.85
N LYS A 11 -0.88 4.40 2.54
CA LYS A 11 -0.82 5.01 3.88
C LYS A 11 -1.86 4.35 4.77
N ASN A 12 -1.53 4.08 6.04
CA ASN A 12 -2.40 3.35 6.95
C ASN A 12 -3.05 4.26 8.02
N PRO A 13 -4.38 4.51 7.94
CA PRO A 13 -5.12 5.29 8.95
C PRO A 13 -4.96 4.84 10.40
N HIS A 14 -4.67 3.55 10.64
CA HIS A 14 -4.60 2.95 11.98
C HIS A 14 -3.22 3.07 12.66
N THR A 15 -2.16 3.38 11.89
CA THR A 15 -0.77 3.40 12.39
C THR A 15 -0.01 4.69 12.03
N GLY A 16 -0.44 5.41 10.98
CA GLY A 16 0.26 6.56 10.42
C GLY A 16 1.50 6.21 9.58
N GLU A 17 1.74 4.92 9.30
CA GLU A 17 2.79 4.47 8.40
C GLU A 17 2.37 4.65 6.95
N VAL A 18 3.40 4.73 6.11
CA VAL A 18 3.34 4.91 4.67
C VAL A 18 4.37 3.98 4.00
N ILE A 19 4.09 3.64 2.74
CA ILE A 19 4.88 2.80 1.84
C ILE A 19 4.76 3.35 0.41
N GLU A 20 5.61 2.83 -0.46
CA GLU A 20 5.66 3.04 -1.91
C GLU A 20 6.17 1.77 -2.59
N THR A 21 5.38 1.19 -3.49
CA THR A 21 5.72 -0.05 -4.21
C THR A 21 5.12 -0.01 -5.62
N LYS A 22 5.74 -0.68 -6.60
CA LYS A 22 5.20 -0.83 -7.97
C LYS A 22 4.32 -2.09 -8.12
N GLY A 23 4.03 -2.77 -7.01
CA GLY A 23 3.35 -4.06 -6.92
C GLY A 23 4.09 -5.10 -6.08
N GLY A 24 3.67 -6.35 -6.22
CA GLY A 24 4.36 -7.53 -5.69
C GLY A 24 4.24 -7.78 -4.18
N ASN A 25 4.70 -8.97 -3.80
CA ASN A 25 4.93 -9.43 -2.43
C ASN A 25 5.93 -8.47 -1.74
N HIS A 26 5.41 -7.58 -0.88
CA HIS A 26 6.18 -6.59 -0.10
C HIS A 26 5.76 -6.66 1.37
N LYS A 27 6.72 -6.70 2.30
CA LYS A 27 6.51 -7.00 3.74
C LYS A 27 5.41 -6.19 4.43
N THR A 28 5.56 -4.88 4.59
CA THR A 28 4.57 -4.03 5.31
C THR A 28 3.19 -4.07 4.64
N LEU A 29 3.17 -4.02 3.30
CA LEU A 29 1.95 -4.10 2.50
C LEU A 29 1.19 -5.41 2.76
N LYS A 30 1.89 -6.53 2.94
CA LYS A 30 1.29 -7.83 3.30
C LYS A 30 0.71 -7.84 4.72
N GLU A 31 1.35 -7.16 5.69
CA GLU A 31 0.82 -7.11 7.05
C GLU A 31 -0.49 -6.36 7.10
N TRP A 32 -0.55 -5.25 6.36
CA TRP A 32 -1.79 -4.44 6.27
C TRP A 32 -2.94 -5.23 5.64
N LYS A 33 -2.67 -6.07 4.63
CA LYS A 33 -3.67 -6.99 4.06
C LYS A 33 -4.12 -8.04 5.07
N ALA A 34 -3.23 -8.52 5.94
CA ALA A 34 -3.56 -9.46 6.99
C ALA A 34 -4.46 -8.82 8.05
N LYS A 35 -4.03 -7.64 8.52
CA LYS A 35 -4.56 -6.93 9.67
C LYS A 35 -5.92 -6.26 9.42
N TRP A 36 -6.17 -5.76 8.20
CA TRP A 36 -7.39 -5.01 7.85
C TRP A 36 -8.03 -5.47 6.53
N GLY A 37 -7.27 -5.63 5.45
CA GLY A 37 -7.72 -6.27 4.20
C GLY A 37 -7.22 -5.60 2.91
N PRO A 38 -7.11 -6.35 1.78
CA PRO A 38 -6.67 -5.79 0.50
C PRO A 38 -7.57 -4.67 -0.05
N GLU A 39 -8.88 -4.75 0.16
CA GLU A 39 -9.84 -3.73 -0.29
C GLU A 39 -9.55 -2.37 0.35
N ALA A 40 -9.32 -2.43 1.66
CA ALA A 40 -8.95 -1.30 2.49
C ALA A 40 -7.62 -0.70 1.99
N VAL A 41 -6.61 -1.57 1.90
CA VAL A 41 -5.25 -1.25 1.54
C VAL A 41 -5.16 -0.56 0.18
N GLU A 42 -5.79 -1.11 -0.84
CA GLU A 42 -5.86 -0.51 -2.17
C GLU A 42 -6.66 0.82 -2.17
N SER A 43 -7.72 0.92 -1.35
CA SER A 43 -8.53 2.15 -1.24
C SER A 43 -7.76 3.31 -0.61
N TRP A 44 -6.82 3.00 0.29
CA TRP A 44 -5.90 4.00 0.87
C TRP A 44 -4.80 4.47 -0.09
N ALA A 45 -4.62 3.84 -1.26
CA ALA A 45 -3.50 4.14 -2.14
C ALA A 45 -3.59 5.51 -2.85
N THR A 46 -2.44 5.81 -3.43
CA THR A 46 -2.05 7.04 -4.14
C THR A 46 -1.16 6.65 -5.31
N LEU A 47 -1.33 7.28 -6.47
CA LEU A 47 -0.60 6.96 -7.70
C LEU A 47 0.55 7.95 -7.88
N LEU A 48 1.76 7.42 -8.07
CA LEU A 48 3.02 8.16 -8.17
C LEU A 48 3.76 7.81 -9.48
N GLY A 49 3.93 8.84 -10.31
CA GLY A 49 4.55 8.72 -11.64
C GLY A 49 6.08 8.75 -11.67
N HIS A 50 6.72 9.14 -10.55
CA HIS A 50 8.18 9.21 -10.37
C HIS A 50 8.58 8.92 -8.91
N ALA A 4 3.29 1.61 -17.77
CA ALA A 4 4.57 1.51 -17.01
C ALA A 4 4.33 1.04 -15.58
N ARG A 5 5.35 0.47 -14.93
CA ARG A 5 5.35 0.01 -13.51
C ARG A 5 5.25 1.17 -12.49
N LYS A 6 4.12 1.91 -12.55
CA LYS A 6 3.72 3.02 -11.70
C LYS A 6 3.71 2.59 -10.24
N VAL A 7 4.37 3.43 -9.44
CA VAL A 7 4.39 3.33 -7.98
C VAL A 7 3.05 3.70 -7.38
N LYS A 8 2.57 2.88 -6.45
CA LYS A 8 1.46 3.19 -5.57
C LYS A 8 2.04 3.46 -4.19
N GLN A 9 1.79 4.65 -3.67
CA GLN A 9 2.07 4.94 -2.28
C GLN A 9 0.83 4.44 -1.56
N TYR A 10 1.05 3.89 -0.37
CA TYR A 10 -0.01 3.43 0.53
C TYR A 10 0.21 4.09 1.88
N LYS A 11 -0.85 4.53 2.55
CA LYS A 11 -0.81 5.12 3.90
C LYS A 11 -1.88 4.46 4.77
N ASN A 12 -1.56 4.18 6.03
CA ASN A 12 -2.45 3.44 6.93
C ASN A 12 -3.11 4.36 7.99
N PRO A 13 -4.43 4.61 7.91
CA PRO A 13 -5.20 5.39 8.90
C PRO A 13 -5.04 4.93 10.37
N HIS A 14 -4.75 3.65 10.60
CA HIS A 14 -4.69 3.04 11.94
C HIS A 14 -3.32 3.15 12.63
N THR A 15 -2.25 3.44 11.87
CA THR A 15 -0.86 3.46 12.38
C THR A 15 -0.08 4.73 12.03
N GLY A 16 -0.49 5.46 10.98
CA GLY A 16 0.23 6.60 10.44
C GLY A 16 1.48 6.23 9.62
N GLU A 17 1.70 4.94 9.33
CA GLU A 17 2.76 4.48 8.44
C GLU A 17 2.36 4.68 6.98
N VAL A 18 3.40 4.76 6.16
CA VAL A 18 3.36 4.92 4.71
C VAL A 18 4.38 3.98 4.05
N ILE A 19 4.10 3.65 2.79
CA ILE A 19 4.90 2.80 1.89
C ILE A 19 4.78 3.33 0.47
N GLU A 20 5.63 2.81 -0.41
CA GLU A 20 5.67 3.02 -1.86
C GLU A 20 6.16 1.72 -2.54
N THR A 21 5.35 1.17 -3.44
CA THR A 21 5.68 -0.09 -4.16
C THR A 21 5.07 -0.05 -5.56
N LYS A 22 5.65 -0.76 -6.53
CA LYS A 22 5.13 -0.89 -7.91
C LYS A 22 4.28 -2.17 -8.08
N GLY A 23 4.03 -2.89 -6.98
CA GLY A 23 3.36 -4.18 -6.91
C GLY A 23 4.13 -5.21 -6.05
N GLY A 24 3.71 -6.47 -6.19
CA GLY A 24 4.40 -7.63 -5.65
C GLY A 24 4.29 -7.88 -4.13
N ASN A 25 4.77 -9.06 -3.75
CA ASN A 25 5.03 -9.52 -2.38
C ASN A 25 6.02 -8.54 -1.69
N HIS A 26 5.47 -7.65 -0.85
CA HIS A 26 6.22 -6.66 -0.05
C HIS A 26 5.76 -6.70 1.41
N LYS A 27 6.70 -6.73 2.37
CA LYS A 27 6.44 -7.00 3.81
C LYS A 27 5.31 -6.18 4.46
N THR A 28 5.48 -4.86 4.62
CA THR A 28 4.48 -4.01 5.30
C THR A 28 3.11 -4.05 4.63
N LEU A 29 3.12 -4.03 3.29
CA LEU A 29 1.91 -4.13 2.46
C LEU A 29 1.13 -5.43 2.74
N LYS A 30 1.83 -6.56 2.94
CA LYS A 30 1.23 -7.84 3.31
C LYS A 30 0.62 -7.82 4.71
N GLU A 31 1.23 -7.12 5.67
CA GLU A 31 0.68 -7.05 7.02
C GLU A 31 -0.63 -6.29 7.03
N TRP A 32 -0.68 -5.19 6.29
CA TRP A 32 -1.90 -4.39 6.17
C TRP A 32 -3.06 -5.17 5.51
N LYS A 33 -2.76 -6.04 4.54
CA LYS A 33 -3.76 -6.97 3.98
C LYS A 33 -4.23 -8.01 5.01
N ALA A 34 -3.34 -8.48 5.90
CA ALA A 34 -3.70 -9.42 6.95
C ALA A 34 -4.61 -8.74 7.99
N LYS A 35 -4.19 -7.54 8.42
CA LYS A 35 -4.75 -6.82 9.55
C LYS A 35 -6.10 -6.14 9.26
N TRP A 36 -6.30 -5.66 8.02
CA TRP A 36 -7.51 -4.92 7.62
C TRP A 36 -8.11 -5.37 6.28
N GLY A 37 -7.31 -5.56 5.22
CA GLY A 37 -7.75 -6.20 3.96
C GLY A 37 -7.21 -5.55 2.67
N PRO A 38 -7.09 -6.29 1.55
CA PRO A 38 -6.59 -5.75 0.28
C PRO A 38 -7.49 -4.65 -0.32
N GLU A 39 -8.81 -4.70 -0.09
CA GLU A 39 -9.76 -3.68 -0.55
C GLU A 39 -9.47 -2.34 0.14
N ALA A 40 -9.27 -2.41 1.45
CA ALA A 40 -8.92 -1.29 2.30
C ALA A 40 -7.60 -0.67 1.83
N VAL A 41 -6.60 -1.53 1.71
CA VAL A 41 -5.23 -1.20 1.36
C VAL A 41 -5.15 -0.48 0.01
N GLU A 42 -5.83 -0.99 -1.02
CA GLU A 42 -5.91 -0.34 -2.33
C GLU A 42 -6.72 0.96 -2.28
N SER A 43 -7.77 1.04 -1.44
CA SER A 43 -8.59 2.25 -1.28
C SER A 43 -7.82 3.41 -0.64
N TRP A 44 -6.86 3.11 0.24
CA TRP A 44 -5.97 4.09 0.85
C TRP A 44 -4.86 4.61 -0.10
N ALA A 45 -4.66 3.98 -1.26
CA ALA A 45 -3.52 4.29 -2.12
C ALA A 45 -3.57 5.65 -2.82
N THR A 46 -2.40 5.95 -3.38
CA THR A 46 -1.99 7.16 -4.10
C THR A 46 -1.11 6.73 -5.26
N LEU A 47 -1.20 7.39 -6.42
CA LEU A 47 -0.49 7.01 -7.63
C LEU A 47 0.64 8.01 -7.91
N LEU A 48 1.87 7.50 -8.00
CA LEU A 48 3.11 8.24 -8.10
C LEU A 48 3.85 7.89 -9.40
N GLY A 49 4.19 8.93 -10.17
CA GLY A 49 4.78 8.81 -11.51
C GLY A 49 6.32 8.81 -11.54
N HIS A 50 6.98 9.10 -10.42
CA HIS A 50 8.44 9.14 -10.25
C HIS A 50 8.88 8.85 -8.80
N ALA A 4 3.46 1.77 -17.83
CA ALA A 4 4.75 1.71 -17.06
C ALA A 4 4.53 1.13 -15.66
N ARG A 5 5.58 0.58 -15.04
CA ARG A 5 5.61 0.05 -13.65
C ARG A 5 5.46 1.16 -12.58
N LYS A 6 4.34 1.89 -12.64
CA LYS A 6 3.91 2.97 -11.75
C LYS A 6 3.88 2.51 -10.29
N VAL A 7 4.47 3.36 -9.46
CA VAL A 7 4.47 3.25 -8.00
C VAL A 7 3.12 3.65 -7.42
N LYS A 8 2.62 2.85 -6.47
CA LYS A 8 1.50 3.17 -5.61
C LYS A 8 2.06 3.38 -4.22
N GLN A 9 1.80 4.56 -3.66
CA GLN A 9 2.04 4.82 -2.26
C GLN A 9 0.80 4.29 -1.56
N TYR A 10 0.97 3.72 -0.38
CA TYR A 10 -0.11 3.29 0.50
C TYR A 10 0.09 4.00 1.84
N LYS A 11 -0.99 4.53 2.44
CA LYS A 11 -0.92 5.43 3.61
C LYS A 11 -1.99 5.01 4.64
N ASN A 12 -1.58 4.24 5.66
CA ASN A 12 -2.48 3.58 6.60
C ASN A 12 -3.13 4.57 7.60
N PRO A 13 -4.49 4.68 7.62
CA PRO A 13 -5.20 5.58 8.53
C PRO A 13 -5.21 5.12 10.01
N HIS A 14 -4.97 3.82 10.28
CA HIS A 14 -4.96 3.24 11.64
C HIS A 14 -3.63 3.41 12.38
N THR A 15 -2.52 3.63 11.65
CA THR A 15 -1.16 3.64 12.21
C THR A 15 -0.34 4.89 11.85
N GLY A 16 -0.70 5.58 10.76
CA GLY A 16 0.08 6.69 10.20
C GLY A 16 1.34 6.25 9.42
N GLU A 17 1.57 4.94 9.24
CA GLU A 17 2.64 4.44 8.38
C GLU A 17 2.27 4.61 6.92
N VAL A 18 3.31 4.67 6.12
CA VAL A 18 3.29 4.86 4.68
C VAL A 18 4.30 3.92 4.02
N ILE A 19 4.02 3.55 2.77
CA ILE A 19 4.84 2.72 1.89
C ILE A 19 4.73 3.25 0.46
N GLU A 20 5.59 2.72 -0.40
CA GLU A 20 5.64 2.94 -1.85
C GLU A 20 6.15 1.66 -2.53
N THR A 21 5.35 1.08 -3.43
CA THR A 21 5.69 -0.16 -4.16
C THR A 21 5.11 -0.10 -5.58
N LYS A 22 5.71 -0.81 -6.54
CA LYS A 22 5.19 -0.95 -7.91
C LYS A 22 4.34 -2.23 -8.09
N GLY A 23 4.05 -2.91 -6.98
CA GLY A 23 3.40 -4.21 -6.89
C GLY A 23 4.16 -5.22 -6.03
N GLY A 24 3.78 -6.49 -6.16
CA GLY A 24 4.48 -7.64 -5.62
C GLY A 24 4.35 -7.90 -4.10
N ASN A 25 4.83 -9.07 -3.72
CA ASN A 25 5.07 -9.54 -2.35
C ASN A 25 6.04 -8.57 -1.65
N HIS A 26 5.49 -7.67 -0.81
CA HIS A 26 6.23 -6.68 -0.01
C HIS A 26 5.76 -6.74 1.46
N LYS A 27 6.69 -6.82 2.42
CA LYS A 27 6.42 -7.11 3.85
C LYS A 27 5.29 -6.28 4.49
N THR A 28 5.45 -4.97 4.66
CA THR A 28 4.46 -4.13 5.37
C THR A 28 3.09 -4.16 4.69
N LEU A 29 3.09 -4.12 3.36
CA LEU A 29 1.89 -4.20 2.52
C LEU A 29 1.11 -5.51 2.77
N LYS A 30 1.81 -6.63 2.98
CA LYS A 30 1.19 -7.92 3.33
C LYS A 30 0.59 -7.91 4.74
N GLU A 31 1.21 -7.22 5.71
CA GLU A 31 0.66 -7.15 7.07
C GLU A 31 -0.63 -6.36 7.09
N TRP A 32 -0.67 -5.26 6.35
CA TRP A 32 -1.88 -4.45 6.24
C TRP A 32 -3.05 -5.22 5.61
N LYS A 33 -2.78 -6.06 4.60
CA LYS A 33 -3.80 -6.97 4.03
C LYS A 33 -4.27 -8.02 5.05
N ALA A 34 -3.38 -8.49 5.93
CA ALA A 34 -3.75 -9.43 6.98
C ALA A 34 -4.64 -8.77 8.04
N LYS A 35 -4.21 -7.58 8.49
CA LYS A 35 -4.73 -6.86 9.62
C LYS A 35 -6.10 -6.19 9.36
N TRP A 36 -6.32 -5.69 8.14
CA TRP A 36 -7.54 -4.94 7.77
C TRP A 36 -8.18 -5.41 6.45
N GLY A 37 -7.39 -5.59 5.37
CA GLY A 37 -7.83 -6.23 4.13
C GLY A 37 -7.32 -5.56 2.84
N PRO A 38 -7.23 -6.29 1.71
CA PRO A 38 -6.77 -5.72 0.43
C PRO A 38 -7.67 -4.60 -0.10
N GLU A 39 -8.98 -4.68 0.12
CA GLU A 39 -9.93 -3.65 -0.31
C GLU A 39 -9.63 -2.30 0.35
N ALA A 40 -9.39 -2.38 1.66
CA ALA A 40 -8.98 -1.26 2.49
C ALA A 40 -7.66 -0.67 1.98
N VAL A 41 -6.67 -1.55 1.85
CA VAL A 41 -5.29 -1.23 1.49
C VAL A 41 -5.21 -0.53 0.14
N GLU A 42 -5.91 -1.04 -0.88
CA GLU A 42 -5.97 -0.40 -2.20
C GLU A 42 -6.72 0.95 -2.16
N SER A 43 -7.76 1.07 -1.32
CA SER A 43 -8.51 2.33 -1.14
C SER A 43 -7.63 3.43 -0.50
N TRP A 44 -6.70 3.05 0.37
CA TRP A 44 -5.70 3.94 0.98
C TRP A 44 -4.58 4.38 0.00
N ALA A 45 -4.54 3.85 -1.23
CA ALA A 45 -3.47 4.14 -2.15
C ALA A 45 -3.53 5.52 -2.80
N THR A 46 -2.41 5.82 -3.44
CA THR A 46 -2.01 7.04 -4.13
C THR A 46 -1.10 6.65 -5.28
N LEU A 47 -1.25 7.29 -6.44
CA LEU A 47 -0.50 6.98 -7.66
C LEU A 47 0.66 7.97 -7.81
N LEU A 48 1.87 7.44 -7.98
CA LEU A 48 3.13 8.17 -8.07
C LEU A 48 3.87 7.81 -9.37
N GLY A 49 4.14 8.85 -10.17
CA GLY A 49 4.72 8.73 -11.52
C GLY A 49 6.24 8.47 -11.55
N HIS A 50 6.94 8.70 -10.43
CA HIS A 50 8.39 8.51 -10.26
C HIS A 50 8.72 7.93 -8.87
N ALA A 4 3.95 2.66 -17.71
CA ALA A 4 5.12 2.14 -16.96
C ALA A 4 4.69 1.47 -15.66
N ARG A 5 5.59 0.68 -15.05
CA ARG A 5 5.51 0.07 -13.69
C ARG A 5 5.40 1.12 -12.56
N LYS A 6 4.30 1.88 -12.56
CA LYS A 6 3.90 2.93 -11.62
C LYS A 6 3.97 2.44 -10.18
N VAL A 7 4.52 3.32 -9.36
CA VAL A 7 4.52 3.23 -7.90
C VAL A 7 3.15 3.61 -7.35
N LYS A 8 2.67 2.83 -6.39
CA LYS A 8 1.53 3.16 -5.55
C LYS A 8 2.07 3.38 -4.15
N GLN A 9 1.79 4.56 -3.61
CA GLN A 9 2.01 4.84 -2.21
C GLN A 9 0.78 4.29 -1.52
N TYR A 10 0.97 3.77 -0.33
CA TYR A 10 -0.11 3.34 0.56
C TYR A 10 0.11 4.00 1.92
N LYS A 11 -0.96 4.46 2.57
CA LYS A 11 -0.91 5.08 3.91
C LYS A 11 -1.97 4.46 4.81
N ASN A 12 -1.59 4.06 6.01
CA ASN A 12 -2.47 3.31 6.92
C ASN A 12 -3.15 4.26 7.95
N PRO A 13 -4.47 4.49 7.86
CA PRO A 13 -5.21 5.37 8.78
C PRO A 13 -5.26 4.85 10.24
N HIS A 14 -4.94 3.58 10.49
CA HIS A 14 -4.91 2.97 11.83
C HIS A 14 -3.55 3.10 12.55
N THR A 15 -2.46 3.39 11.83
CA THR A 15 -1.08 3.43 12.39
C THR A 15 -0.30 4.70 12.05
N GLY A 16 -0.67 5.41 10.98
CA GLY A 16 0.08 6.56 10.45
C GLY A 16 1.33 6.18 9.64
N GLU A 17 1.56 4.89 9.35
CA GLU A 17 2.64 4.43 8.49
C GLU A 17 2.27 4.63 7.02
N VAL A 18 3.32 4.72 6.22
CA VAL A 18 3.29 4.90 4.76
C VAL A 18 4.31 3.96 4.12
N ILE A 19 4.05 3.60 2.86
CA ILE A 19 4.86 2.77 1.97
C ILE A 19 4.73 3.30 0.55
N GLU A 20 5.61 2.82 -0.32
CA GLU A 20 5.65 3.01 -1.76
C GLU A 20 6.19 1.75 -2.44
N THR A 21 5.40 1.15 -3.34
CA THR A 21 5.77 -0.08 -4.06
C THR A 21 5.19 -0.05 -5.48
N LYS A 22 5.81 -0.73 -6.45
CA LYS A 22 5.27 -0.87 -7.83
C LYS A 22 4.41 -2.14 -7.99
N GLY A 23 4.15 -2.83 -6.88
CA GLY A 23 3.48 -4.13 -6.79
C GLY A 23 4.23 -5.15 -5.94
N GLY A 24 3.81 -6.41 -6.07
CA GLY A 24 4.49 -7.58 -5.53
C GLY A 24 4.37 -7.83 -4.02
N ASN A 25 4.84 -9.01 -3.63
CA ASN A 25 5.08 -9.48 -2.27
C ASN A 25 6.06 -8.51 -1.57
N HIS A 26 5.54 -7.60 -0.74
CA HIS A 26 6.29 -6.61 0.05
C HIS A 26 5.83 -6.64 1.51
N LYS A 27 6.76 -6.79 2.48
CA LYS A 27 6.47 -7.06 3.90
C LYS A 27 5.33 -6.25 4.52
N THR A 28 5.48 -4.94 4.69
CA THR A 28 4.48 -4.09 5.38
C THR A 28 3.12 -4.13 4.69
N LEU A 29 3.12 -4.08 3.35
CA LEU A 29 1.92 -4.14 2.51
C LEU A 29 1.15 -5.46 2.74
N LYS A 30 1.85 -6.58 2.91
CA LYS A 30 1.26 -7.88 3.25
C LYS A 30 0.68 -7.93 4.67
N GLU A 31 1.27 -7.22 5.64
CA GLU A 31 0.71 -7.18 7.00
C GLU A 31 -0.60 -6.41 7.03
N TRP A 32 -0.64 -5.29 6.32
CA TRP A 32 -1.86 -4.48 6.23
C TRP A 32 -3.03 -5.24 5.59
N LYS A 33 -2.75 -6.08 4.58
CA LYS A 33 -3.78 -6.97 4.00
C LYS A 33 -4.24 -8.04 4.98
N ALA A 34 -3.35 -8.53 5.85
CA ALA A 34 -3.70 -9.49 6.89
C ALA A 34 -4.60 -8.83 7.97
N LYS A 35 -4.15 -7.67 8.44
CA LYS A 35 -4.68 -6.96 9.58
C LYS A 35 -6.03 -6.26 9.35
N TRP A 36 -6.26 -5.76 8.12
CA TRP A 36 -7.48 -5.01 7.77
C TRP A 36 -8.14 -5.46 6.44
N GLY A 37 -7.36 -5.62 5.36
CA GLY A 37 -7.82 -6.26 4.11
C GLY A 37 -7.32 -5.59 2.82
N PRO A 38 -7.20 -6.31 1.70
CA PRO A 38 -6.74 -5.75 0.42
C PRO A 38 -7.66 -4.64 -0.12
N GLU A 39 -8.97 -4.74 0.09
CA GLU A 39 -9.94 -3.73 -0.36
C GLU A 39 -9.66 -2.37 0.29
N ALA A 40 -9.41 -2.43 1.61
CA ALA A 40 -9.03 -1.31 2.43
C ALA A 40 -7.72 -0.71 1.92
N VAL A 41 -6.71 -1.57 1.85
CA VAL A 41 -5.33 -1.22 1.50
C VAL A 41 -5.23 -0.54 0.14
N GLU A 42 -5.90 -1.09 -0.88
CA GLU A 42 -5.94 -0.48 -2.22
C GLU A 42 -6.73 0.84 -2.22
N SER A 43 -7.79 0.96 -1.43
CA SER A 43 -8.59 2.19 -1.30
C SER A 43 -7.78 3.33 -0.67
N TRP A 44 -6.88 3.02 0.25
CA TRP A 44 -5.96 3.97 0.86
C TRP A 44 -4.84 4.47 -0.09
N ALA A 45 -4.66 3.84 -1.26
CA ALA A 45 -3.53 4.13 -2.13
C ALA A 45 -3.59 5.50 -2.83
N THR A 46 -2.44 5.79 -3.40
CA THR A 46 -2.03 7.01 -4.10
C THR A 46 -1.12 6.63 -5.27
N LEU A 47 -1.32 7.23 -6.43
CA LEU A 47 -0.58 6.91 -7.65
C LEU A 47 0.59 7.89 -7.83
N LEU A 48 1.79 7.33 -8.00
CA LEU A 48 3.06 8.06 -8.10
C LEU A 48 3.81 7.68 -9.39
N GLY A 49 4.00 8.67 -10.25
CA GLY A 49 4.60 8.51 -11.58
C GLY A 49 6.14 8.49 -11.61
N HIS A 50 6.79 8.85 -10.50
CA HIS A 50 8.25 8.85 -10.30
C HIS A 50 8.63 8.65 -8.82
N ALA A 4 3.43 1.44 -17.80
CA ALA A 4 4.74 1.39 -17.09
C ALA A 4 4.53 0.97 -15.63
N ARG A 5 5.58 0.44 -14.99
CA ARG A 5 5.66 0.06 -13.55
C ARG A 5 5.50 1.24 -12.57
N LYS A 6 4.36 1.93 -12.65
CA LYS A 6 3.88 3.01 -11.78
C LYS A 6 3.86 2.56 -10.33
N VAL A 7 4.43 3.42 -9.50
CA VAL A 7 4.44 3.31 -8.05
C VAL A 7 3.08 3.66 -7.46
N LYS A 8 2.60 2.83 -6.53
CA LYS A 8 1.45 3.13 -5.68
C LYS A 8 2.01 3.38 -4.29
N GLN A 9 1.73 4.57 -3.76
CA GLN A 9 1.97 4.86 -2.36
C GLN A 9 0.73 4.32 -1.65
N TYR A 10 0.93 3.80 -0.45
CA TYR A 10 -0.13 3.38 0.45
C TYR A 10 0.09 4.04 1.81
N LYS A 11 -0.97 4.45 2.50
CA LYS A 11 -0.93 5.07 3.83
C LYS A 11 -1.97 4.41 4.73
N ASN A 12 -1.64 4.18 6.00
CA ASN A 12 -2.50 3.44 6.92
C ASN A 12 -3.16 4.35 7.99
N PRO A 13 -4.48 4.59 7.92
CA PRO A 13 -5.24 5.37 8.89
C PRO A 13 -5.09 4.93 10.37
N HIS A 14 -4.78 3.65 10.62
CA HIS A 14 -4.71 3.05 11.96
C HIS A 14 -3.33 3.20 12.64
N THR A 15 -2.26 3.44 11.86
CA THR A 15 -0.87 3.43 12.36
C THR A 15 -0.05 4.67 11.97
N GLY A 16 -0.47 5.42 10.96
CA GLY A 16 0.30 6.55 10.40
C GLY A 16 1.53 6.15 9.59
N GLU A 17 1.68 4.85 9.25
CA GLU A 17 2.69 4.34 8.35
C GLU A 17 2.30 4.66 6.91
N VAL A 18 3.32 4.81 6.09
CA VAL A 18 3.25 4.97 4.63
C VAL A 18 4.27 4.02 3.98
N ILE A 19 4.00 3.67 2.73
CA ILE A 19 4.81 2.83 1.84
C ILE A 19 4.70 3.37 0.41
N GLU A 20 5.57 2.86 -0.45
CA GLU A 20 5.62 3.06 -1.89
C GLU A 20 6.16 1.78 -2.56
N THR A 21 5.37 1.18 -3.46
CA THR A 21 5.72 -0.06 -4.16
C THR A 21 5.17 -0.04 -5.59
N LYS A 22 5.77 -0.77 -6.53
CA LYS A 22 5.28 -0.91 -7.91
C LYS A 22 4.42 -2.19 -8.09
N GLY A 23 4.09 -2.83 -6.98
CA GLY A 23 3.42 -4.13 -6.88
C GLY A 23 4.18 -5.14 -6.02
N GLY A 24 3.76 -6.40 -6.13
CA GLY A 24 4.44 -7.57 -5.58
C GLY A 24 4.32 -7.82 -4.07
N ASN A 25 4.78 -9.01 -3.69
CA ASN A 25 5.02 -9.47 -2.33
C ASN A 25 6.01 -8.52 -1.62
N HIS A 26 5.47 -7.61 -0.78
CA HIS A 26 6.23 -6.61 0.00
C HIS A 26 5.80 -6.63 1.48
N LYS A 27 6.75 -6.56 2.42
CA LYS A 27 6.54 -6.79 3.87
C LYS A 27 5.37 -6.00 4.49
N THR A 28 5.50 -4.68 4.64
CA THR A 28 4.48 -3.85 5.33
C THR A 28 3.11 -3.93 4.67
N LEU A 29 3.11 -3.92 3.32
CA LEU A 29 1.90 -4.05 2.50
C LEU A 29 1.15 -5.36 2.79
N LYS A 30 1.87 -6.47 3.01
CA LYS A 30 1.29 -7.76 3.39
C LYS A 30 0.70 -7.75 4.81
N GLU A 31 1.32 -7.04 5.75
CA GLU A 31 0.80 -6.98 7.12
C GLU A 31 -0.52 -6.24 7.16
N TRP A 32 -0.60 -5.13 6.44
CA TRP A 32 -1.84 -4.37 6.32
C TRP A 32 -2.99 -5.18 5.71
N LYS A 33 -2.70 -6.01 4.70
CA LYS A 33 -3.69 -6.94 4.12
C LYS A 33 -4.13 -8.00 5.14
N ALA A 34 -3.22 -8.45 6.01
CA ALA A 34 -3.55 -9.42 7.07
C ALA A 34 -4.46 -8.78 8.13
N LYS A 35 -4.05 -7.58 8.57
CA LYS A 35 -4.62 -6.87 9.71
C LYS A 35 -5.99 -6.22 9.46
N TRP A 36 -6.22 -5.72 8.24
CA TRP A 36 -7.45 -4.99 7.86
C TRP A 36 -8.08 -5.47 6.54
N GLY A 37 -7.30 -5.62 5.47
CA GLY A 37 -7.75 -6.27 4.22
C GLY A 37 -7.26 -5.60 2.93
N PRO A 38 -7.14 -6.34 1.81
CA PRO A 38 -6.68 -5.77 0.53
C PRO A 38 -7.60 -4.68 -0.03
N GLU A 39 -8.92 -4.78 0.18
CA GLU A 39 -9.88 -3.77 -0.28
C GLU A 39 -9.61 -2.41 0.35
N ALA A 40 -9.39 -2.45 1.67
CA ALA A 40 -9.02 -1.31 2.49
C ALA A 40 -7.70 -0.71 1.98
N VAL A 41 -6.69 -1.57 1.91
CA VAL A 41 -5.32 -1.24 1.56
C VAL A 41 -5.22 -0.56 0.19
N GLU A 42 -5.88 -1.11 -0.83
CA GLU A 42 -5.93 -0.51 -2.17
C GLU A 42 -6.74 0.81 -2.17
N SER A 43 -7.80 0.91 -1.36
CA SER A 43 -8.62 2.13 -1.27
C SER A 43 -7.85 3.31 -0.66
N TRP A 44 -6.89 3.03 0.22
CA TRP A 44 -5.98 4.03 0.79
C TRP A 44 -4.87 4.49 -0.17
N ALA A 45 -4.69 3.86 -1.34
CA ALA A 45 -3.57 4.14 -2.22
C ALA A 45 -3.64 5.50 -2.94
N THR A 46 -2.49 5.79 -3.53
CA THR A 46 -2.08 7.01 -4.27
C THR A 46 -1.18 6.59 -5.41
N LEU A 47 -1.28 7.24 -6.56
CA LEU A 47 -0.52 6.88 -7.77
C LEU A 47 0.59 7.91 -8.02
N LEU A 48 1.83 7.41 -8.09
CA LEU A 48 3.07 8.17 -8.19
C LEU A 48 3.84 7.81 -9.46
N GLY A 49 4.22 8.84 -10.22
CA GLY A 49 4.85 8.71 -11.54
C GLY A 49 6.33 8.28 -11.52
N HIS A 50 7.02 8.44 -10.38
CA HIS A 50 8.43 8.08 -10.17
C HIS A 50 8.74 7.77 -8.69
N ALA A 4 3.70 1.90 -17.88
CA ALA A 4 4.95 1.79 -17.07
C ALA A 4 4.65 1.19 -15.70
N ARG A 5 5.65 0.60 -15.04
CA ARG A 5 5.61 0.06 -13.66
C ARG A 5 5.46 1.17 -12.59
N LYS A 6 4.33 1.91 -12.65
CA LYS A 6 3.91 2.99 -11.77
C LYS A 6 3.86 2.53 -10.31
N VAL A 7 4.43 3.38 -9.49
CA VAL A 7 4.43 3.27 -8.02
C VAL A 7 3.07 3.64 -7.44
N LYS A 8 2.58 2.82 -6.51
CA LYS A 8 1.44 3.14 -5.65
C LYS A 8 2.01 3.38 -4.25
N GLN A 9 1.73 4.55 -3.71
CA GLN A 9 1.99 4.83 -2.31
C GLN A 9 0.75 4.29 -1.59
N TYR A 10 0.96 3.75 -0.40
CA TYR A 10 -0.10 3.33 0.51
C TYR A 10 0.15 4.00 1.87
N LYS A 11 -0.91 4.42 2.55
CA LYS A 11 -0.83 5.03 3.90
C LYS A 11 -1.89 4.39 4.80
N ASN A 12 -1.54 4.12 6.05
CA ASN A 12 -2.41 3.38 6.97
C ASN A 12 -3.05 4.29 8.04
N PRO A 13 -4.39 4.53 7.99
CA PRO A 13 -5.12 5.32 8.99
C PRO A 13 -4.95 4.87 10.45
N HIS A 14 -4.67 3.58 10.69
CA HIS A 14 -4.59 2.97 12.03
C HIS A 14 -3.21 3.09 12.71
N THR A 15 -2.15 3.38 11.93
CA THR A 15 -0.75 3.40 12.42
C THR A 15 0.01 4.68 12.06
N GLY A 16 -0.42 5.40 11.01
CA GLY A 16 0.29 6.56 10.46
C GLY A 16 1.52 6.20 9.62
N GLU A 17 1.74 4.90 9.31
CA GLU A 17 2.79 4.45 8.42
C GLU A 17 2.38 4.64 6.96
N VAL A 18 3.40 4.72 6.13
CA VAL A 18 3.34 4.88 4.67
C VAL A 18 4.34 3.92 4.01
N ILE A 19 4.05 3.58 2.76
CA ILE A 19 4.84 2.74 1.87
C ILE A 19 4.72 3.26 0.43
N GLU A 20 5.57 2.75 -0.44
CA GLU A 20 5.62 2.96 -1.88
C GLU A 20 6.12 1.68 -2.57
N THR A 21 5.32 1.12 -3.46
CA THR A 21 5.65 -0.13 -4.18
C THR A 21 5.04 -0.09 -5.59
N LYS A 22 5.65 -0.79 -6.56
CA LYS A 22 5.12 -0.92 -7.94
C LYS A 22 4.29 -2.20 -8.11
N GLY A 23 4.03 -2.91 -7.01
CA GLY A 23 3.39 -4.22 -6.94
C GLY A 23 4.16 -5.22 -6.07
N GLY A 24 3.76 -6.48 -6.20
CA GLY A 24 4.45 -7.65 -5.65
C GLY A 24 4.34 -7.89 -4.13
N ASN A 25 4.81 -9.08 -3.73
CA ASN A 25 5.05 -9.53 -2.37
C ASN A 25 6.03 -8.55 -1.68
N HIS A 26 5.50 -7.64 -0.84
CA HIS A 26 6.25 -6.65 -0.06
C HIS A 26 5.79 -6.70 1.41
N LYS A 27 6.73 -6.76 2.37
CA LYS A 27 6.47 -7.03 3.80
C LYS A 27 5.34 -6.21 4.44
N THR A 28 5.50 -4.89 4.60
CA THR A 28 4.50 -4.05 5.30
C THR A 28 3.13 -4.09 4.63
N LEU A 29 3.13 -4.06 3.29
CA LEU A 29 1.92 -4.15 2.47
C LEU A 29 1.14 -5.45 2.74
N LYS A 30 1.85 -6.58 2.93
CA LYS A 30 1.24 -7.86 3.29
C LYS A 30 0.65 -7.86 4.70
N GLU A 31 1.27 -7.17 5.67
CA GLU A 31 0.75 -7.11 7.03
C GLU A 31 -0.56 -6.34 7.07
N TRP A 32 -0.62 -5.24 6.34
CA TRP A 32 -1.84 -4.43 6.24
C TRP A 32 -3.01 -5.21 5.61
N LYS A 33 -2.74 -6.05 4.59
CA LYS A 33 -3.75 -6.96 4.03
C LYS A 33 -4.20 -8.03 5.02
N ALA A 34 -3.30 -8.50 5.90
CA ALA A 34 -3.64 -9.46 6.94
C ALA A 34 -4.52 -8.82 8.01
N LYS A 35 -4.09 -7.64 8.48
CA LYS A 35 -4.63 -6.93 9.64
C LYS A 35 -5.99 -6.25 9.40
N TRP A 36 -6.22 -5.73 8.19
CA TRP A 36 -7.45 -4.98 7.83
C TRP A 36 -8.10 -5.43 6.52
N GLY A 37 -7.32 -5.61 5.44
CA GLY A 37 -7.79 -6.25 4.18
C GLY A 37 -7.30 -5.57 2.89
N PRO A 38 -7.19 -6.29 1.76
CA PRO A 38 -6.75 -5.72 0.49
C PRO A 38 -7.67 -4.61 -0.04
N GLU A 39 -8.99 -4.70 0.20
CA GLU A 39 -9.95 -3.67 -0.22
C GLU A 39 -9.65 -2.33 0.43
N ALA A 40 -9.40 -2.39 1.74
CA ALA A 40 -8.99 -1.26 2.57
C ALA A 40 -7.69 -0.67 2.04
N VAL A 41 -6.68 -1.54 1.92
CA VAL A 41 -5.31 -1.21 1.55
C VAL A 41 -5.25 -0.52 0.19
N GLU A 42 -5.92 -1.06 -0.83
CA GLU A 42 -6.01 -0.45 -2.16
C GLU A 42 -6.80 0.87 -2.14
N SER A 43 -7.84 0.98 -1.31
CA SER A 43 -8.64 2.21 -1.18
C SER A 43 -7.84 3.37 -0.56
N TRP A 44 -6.88 3.07 0.31
CA TRP A 44 -5.95 4.05 0.89
C TRP A 44 -4.86 4.53 -0.09
N ALA A 45 -4.70 3.90 -1.26
CA ALA A 45 -3.57 4.17 -2.15
C ALA A 45 -3.64 5.53 -2.87
N THR A 46 -2.48 5.82 -3.45
CA THR A 46 -2.05 7.03 -4.17
C THR A 46 -1.17 6.61 -5.32
N LEU A 47 -1.25 7.27 -6.47
CA LEU A 47 -0.50 6.90 -7.68
C LEU A 47 0.62 7.93 -7.93
N LEU A 48 1.85 7.42 -8.02
CA LEU A 48 3.09 8.19 -8.11
C LEU A 48 3.85 7.85 -9.40
N GLY A 49 4.22 8.89 -10.15
CA GLY A 49 4.83 8.78 -11.48
C GLY A 49 6.35 8.52 -11.48
N HIS A 50 7.02 8.72 -10.34
CA HIS A 50 8.47 8.51 -10.13
C HIS A 50 8.80 8.16 -8.67
N ALA A 4 3.26 1.32 -17.70
CA ALA A 4 4.56 1.41 -16.98
C ALA A 4 4.45 0.90 -15.55
N ARG A 5 5.57 0.49 -14.94
CA ARG A 5 5.70 0.05 -13.53
C ARG A 5 5.52 1.20 -12.51
N LYS A 6 4.37 1.88 -12.59
CA LYS A 6 3.90 2.98 -11.74
C LYS A 6 3.89 2.56 -10.28
N VAL A 7 4.52 3.40 -9.47
CA VAL A 7 4.54 3.31 -8.01
C VAL A 7 3.18 3.68 -7.43
N LYS A 8 2.72 2.87 -6.47
CA LYS A 8 1.58 3.18 -5.61
C LYS A 8 2.15 3.44 -4.23
N GLN A 9 1.86 4.64 -3.70
CA GLN A 9 2.10 4.93 -2.32
C GLN A 9 0.87 4.39 -1.61
N TYR A 10 1.05 3.85 -0.42
CA TYR A 10 -0.02 3.41 0.45
C TYR A 10 0.18 4.06 1.82
N LYS A 11 -0.90 4.50 2.47
CA LYS A 11 -0.88 5.12 3.80
C LYS A 11 -1.94 4.48 4.68
N ASN A 12 -1.59 4.15 5.91
CA ASN A 12 -2.46 3.40 6.82
C ASN A 12 -3.17 4.34 7.83
N PRO A 13 -4.49 4.54 7.72
CA PRO A 13 -5.24 5.43 8.62
C PRO A 13 -5.30 4.93 10.09
N HIS A 14 -4.97 3.67 10.36
CA HIS A 14 -4.93 3.08 11.72
C HIS A 14 -3.59 3.24 12.43
N THR A 15 -2.48 3.46 11.71
CA THR A 15 -1.10 3.46 12.26
C THR A 15 -0.25 4.68 11.90
N GLY A 16 -0.59 5.41 10.84
CA GLY A 16 0.22 6.51 10.32
C GLY A 16 1.49 6.07 9.56
N GLU A 17 1.64 4.78 9.25
CA GLU A 17 2.65 4.23 8.37
C GLU A 17 2.32 4.57 6.92
N VAL A 18 3.35 4.74 6.13
CA VAL A 18 3.32 4.92 4.68
C VAL A 18 4.35 3.99 4.03
N ILE A 19 4.09 3.64 2.78
CA ILE A 19 4.90 2.81 1.89
C ILE A 19 4.80 3.34 0.46
N GLU A 20 5.67 2.83 -0.39
CA GLU A 20 5.73 3.04 -1.84
C GLU A 20 6.26 1.77 -2.52
N THR A 21 5.47 1.18 -3.41
CA THR A 21 5.80 -0.07 -4.12
C THR A 21 5.22 -0.04 -5.54
N LYS A 22 5.76 -0.82 -6.47
CA LYS A 22 5.24 -0.94 -7.85
C LYS A 22 4.36 -2.20 -8.03
N GLY A 23 4.00 -2.84 -6.92
CA GLY A 23 3.33 -4.14 -6.82
C GLY A 23 4.11 -5.15 -5.97
N GLY A 24 3.70 -6.41 -6.07
CA GLY A 24 4.41 -7.58 -5.53
C GLY A 24 4.31 -7.82 -4.01
N ASN A 25 4.79 -9.00 -3.64
CA ASN A 25 5.05 -9.47 -2.27
C ASN A 25 6.04 -8.51 -1.58
N HIS A 26 5.51 -7.59 -0.74
CA HIS A 26 6.28 -6.60 0.03
C HIS A 26 5.83 -6.61 1.51
N LYS A 27 6.77 -6.64 2.45
CA LYS A 27 6.53 -6.88 3.91
C LYS A 27 5.35 -6.09 4.51
N THR A 28 5.47 -4.78 4.66
CA THR A 28 4.45 -3.96 5.36
C THR A 28 3.09 -4.00 4.65
N LEU A 29 3.12 -3.98 3.32
CA LEU A 29 1.92 -4.09 2.46
C LEU A 29 1.16 -5.39 2.74
N LYS A 30 1.87 -6.52 2.93
CA LYS A 30 1.28 -7.81 3.28
C LYS A 30 0.70 -7.85 4.70
N GLU A 31 1.28 -7.12 5.66
CA GLU A 31 0.73 -7.06 7.01
C GLU A 31 -0.59 -6.30 7.04
N TRP A 32 -0.65 -5.20 6.31
CA TRP A 32 -1.88 -4.41 6.19
C TRP A 32 -3.04 -5.21 5.56
N LYS A 33 -2.74 -6.08 4.57
CA LYS A 33 -3.74 -7.00 4.01
C LYS A 33 -4.21 -8.05 5.02
N ALA A 34 -3.32 -8.52 5.90
CA ALA A 34 -3.67 -9.45 6.97
C ALA A 34 -4.59 -8.78 8.00
N LYS A 35 -4.19 -7.57 8.42
CA LYS A 35 -4.76 -6.83 9.53
C LYS A 35 -6.11 -6.16 9.21
N TRP A 36 -6.32 -5.70 7.98
CA TRP A 36 -7.54 -4.96 7.57
C TRP A 36 -8.14 -5.44 6.23
N GLY A 37 -7.33 -5.60 5.17
CA GLY A 37 -7.74 -6.27 3.91
C GLY A 37 -7.22 -5.61 2.62
N PRO A 38 -7.06 -6.36 1.52
CA PRO A 38 -6.54 -5.83 0.25
C PRO A 38 -7.41 -4.73 -0.38
N GLU A 39 -8.73 -4.79 -0.21
CA GLU A 39 -9.66 -3.77 -0.71
C GLU A 39 -9.41 -2.42 -0.05
N ALA A 40 -9.26 -2.47 1.27
CA ALA A 40 -8.95 -1.35 2.13
C ALA A 40 -7.61 -0.72 1.71
N VAL A 41 -6.60 -1.59 1.63
CA VAL A 41 -5.22 -1.25 1.34
C VAL A 41 -5.08 -0.54 -0.01
N GLU A 42 -5.71 -1.06 -1.06
CA GLU A 42 -5.77 -0.41 -2.38
C GLU A 42 -6.58 0.89 -2.36
N SER A 43 -7.65 0.96 -1.56
CA SER A 43 -8.49 2.17 -1.45
C SER A 43 -7.74 3.34 -0.79
N TRP A 44 -6.80 3.04 0.11
CA TRP A 44 -5.92 4.04 0.73
C TRP A 44 -4.79 4.53 -0.20
N ALA A 45 -4.58 3.92 -1.37
CA ALA A 45 -3.44 4.21 -2.22
C ALA A 45 -3.50 5.58 -2.93
N THR A 46 -2.35 5.89 -3.49
CA THR A 46 -1.93 7.11 -4.21
C THR A 46 -1.03 6.67 -5.36
N LEU A 47 -1.13 7.31 -6.52
CA LEU A 47 -0.39 6.94 -7.73
C LEU A 47 0.73 7.95 -7.98
N LEU A 48 1.97 7.44 -8.06
CA LEU A 48 3.21 8.19 -8.15
C LEU A 48 3.98 7.80 -9.43
N GLY A 49 4.38 8.83 -10.19
CA GLY A 49 5.00 8.69 -11.52
C GLY A 49 6.48 8.27 -11.51
N HIS A 50 7.17 8.42 -10.36
CA HIS A 50 8.58 8.06 -10.14
C HIS A 50 8.82 7.66 -8.68
N ALA A 4 3.25 1.58 -17.74
CA ALA A 4 4.54 1.60 -17.00
C ALA A 4 4.39 1.04 -15.59
N ARG A 5 5.48 0.55 -14.99
CA ARG A 5 5.57 0.04 -13.60
C ARG A 5 5.42 1.17 -12.54
N LYS A 6 4.29 1.88 -12.58
CA LYS A 6 3.86 2.96 -11.70
C LYS A 6 3.86 2.52 -10.25
N VAL A 7 4.48 3.38 -9.44
CA VAL A 7 4.50 3.27 -7.97
C VAL A 7 3.14 3.67 -7.38
N LYS A 8 2.66 2.88 -6.45
CA LYS A 8 1.54 3.19 -5.58
C LYS A 8 2.10 3.44 -4.20
N GLN A 9 1.84 4.62 -3.66
CA GLN A 9 2.09 4.89 -2.26
C GLN A 9 0.84 4.38 -1.56
N TYR A 10 1.02 3.82 -0.37
CA TYR A 10 -0.06 3.41 0.50
C TYR A 10 0.16 4.04 1.87
N LYS A 11 -0.89 4.54 2.52
CA LYS A 11 -0.83 5.17 3.85
C LYS A 11 -1.92 4.59 4.75
N ASN A 12 -1.53 4.10 5.92
CA ASN A 12 -2.44 3.37 6.81
C ASN A 12 -3.10 4.31 7.84
N PRO A 13 -4.43 4.57 7.75
CA PRO A 13 -5.14 5.46 8.68
C PRO A 13 -5.21 4.95 10.12
N HIS A 14 -4.91 3.66 10.37
CA HIS A 14 -4.91 3.05 11.72
C HIS A 14 -3.55 3.16 12.45
N THR A 15 -2.44 3.43 11.74
CA THR A 15 -1.08 3.45 12.31
C THR A 15 -0.27 4.70 11.98
N GLY A 16 -0.62 5.43 10.90
CA GLY A 16 0.14 6.55 10.38
C GLY A 16 1.40 6.16 9.58
N GLU A 17 1.62 4.87 9.30
CA GLU A 17 2.69 4.40 8.44
C GLU A 17 2.33 4.60 6.97
N VAL A 18 3.38 4.67 6.17
CA VAL A 18 3.36 4.85 4.72
C VAL A 18 4.37 3.90 4.06
N ILE A 19 4.08 3.56 2.81
CA ILE A 19 4.89 2.72 1.91
C ILE A 19 4.78 3.27 0.49
N GLU A 20 5.64 2.75 -0.38
CA GLU A 20 5.69 2.97 -1.83
C GLU A 20 6.20 1.69 -2.51
N THR A 21 5.39 1.12 -3.40
CA THR A 21 5.72 -0.13 -4.13
C THR A 21 5.13 -0.08 -5.55
N LYS A 22 5.70 -0.83 -6.50
CA LYS A 22 5.16 -0.96 -7.87
C LYS A 22 4.31 -2.23 -8.04
N GLY A 23 4.00 -2.89 -6.93
CA GLY A 23 3.36 -4.20 -6.82
C GLY A 23 4.15 -5.20 -5.97
N GLY A 24 3.77 -6.47 -6.10
CA GLY A 24 4.50 -7.62 -5.56
C GLY A 24 4.38 -7.88 -4.05
N ASN A 25 4.86 -9.07 -3.67
CA ASN A 25 5.09 -9.53 -2.30
C ASN A 25 6.07 -8.55 -1.60
N HIS A 26 5.53 -7.65 -0.77
CA HIS A 26 6.27 -6.65 0.02
C HIS A 26 5.80 -6.69 1.48
N LYS A 27 6.71 -6.85 2.44
CA LYS A 27 6.42 -7.15 3.87
C LYS A 27 5.30 -6.32 4.51
N THR A 28 5.46 -5.01 4.68
CA THR A 28 4.46 -4.16 5.37
C THR A 28 3.10 -4.19 4.66
N LEU A 29 3.12 -4.14 3.32
CA LEU A 29 1.91 -4.21 2.49
C LEU A 29 1.13 -5.51 2.72
N LYS A 30 1.82 -6.64 2.90
CA LYS A 30 1.21 -7.94 3.24
C LYS A 30 0.62 -7.97 4.64
N GLU A 31 1.19 -7.26 5.61
CA GLU A 31 0.62 -7.19 6.96
C GLU A 31 -0.68 -6.41 6.96
N TRP A 32 -0.70 -5.29 6.23
CA TRP A 32 -1.90 -4.47 6.12
C TRP A 32 -3.08 -5.22 5.48
N LYS A 33 -2.81 -6.09 4.49
CA LYS A 33 -3.82 -6.99 3.92
C LYS A 33 -4.33 -8.03 4.93
N ALA A 34 -3.45 -8.53 5.81
CA ALA A 34 -3.82 -9.46 6.87
C ALA A 34 -4.72 -8.78 7.91
N LYS A 35 -4.28 -7.60 8.36
CA LYS A 35 -4.81 -6.85 9.47
C LYS A 35 -6.15 -6.14 9.19
N TRP A 36 -6.36 -5.68 7.96
CA TRP A 36 -7.56 -4.91 7.55
C TRP A 36 -8.17 -5.37 6.22
N GLY A 37 -7.38 -5.54 5.15
CA GLY A 37 -7.82 -6.18 3.89
C GLY A 37 -7.28 -5.55 2.61
N PRO A 38 -7.16 -6.29 1.49
CA PRO A 38 -6.65 -5.74 0.22
C PRO A 38 -7.51 -4.62 -0.37
N GLU A 39 -8.84 -4.67 -0.18
CA GLU A 39 -9.77 -3.64 -0.64
C GLU A 39 -9.48 -2.30 0.04
N ALA A 40 -9.30 -2.38 1.36
CA ALA A 40 -8.95 -1.26 2.23
C ALA A 40 -7.62 -0.65 1.77
N VAL A 41 -6.61 -1.52 1.65
CA VAL A 41 -5.24 -1.20 1.32
C VAL A 41 -5.14 -0.47 -0.02
N GLU A 42 -5.80 -0.98 -1.06
CA GLU A 42 -5.90 -0.31 -2.36
C GLU A 42 -6.66 1.03 -2.28
N SER A 43 -7.72 1.10 -1.47
CA SER A 43 -8.53 2.32 -1.31
C SER A 43 -7.75 3.45 -0.65
N TRP A 44 -6.78 3.13 0.22
CA TRP A 44 -5.84 4.07 0.82
C TRP A 44 -4.74 4.57 -0.14
N ALA A 45 -4.58 3.97 -1.33
CA ALA A 45 -3.45 4.27 -2.20
C ALA A 45 -3.49 5.64 -2.88
N THR A 46 -2.33 5.93 -3.46
CA THR A 46 -1.91 7.14 -4.15
C THR A 46 -1.01 6.75 -5.32
N LEU A 47 -1.15 7.40 -6.46
CA LEU A 47 -0.42 7.10 -7.69
C LEU A 47 0.79 8.05 -7.82
N LEU A 48 1.97 7.49 -7.99
CA LEU A 48 3.25 8.19 -8.08
C LEU A 48 3.99 7.84 -9.38
N GLY A 49 4.24 8.86 -10.19
CA GLY A 49 4.84 8.74 -11.52
C GLY A 49 6.39 8.77 -11.57
N HIS A 50 7.03 9.08 -10.43
CA HIS A 50 8.49 9.14 -10.27
C HIS A 50 8.93 8.86 -8.82
N ALA A 4 3.21 1.63 -17.77
CA ALA A 4 4.50 1.58 -17.02
C ALA A 4 4.31 1.01 -15.61
N ARG A 5 5.37 0.47 -15.01
CA ARG A 5 5.41 -0.06 -13.62
C ARG A 5 5.33 1.06 -12.56
N LYS A 6 4.23 1.80 -12.55
CA LYS A 6 3.86 2.90 -11.67
C LYS A 6 3.86 2.44 -10.21
N VAL A 7 4.53 3.25 -9.40
CA VAL A 7 4.53 3.14 -7.95
C VAL A 7 3.20 3.54 -7.36
N LYS A 8 2.70 2.74 -6.41
CA LYS A 8 1.58 3.08 -5.55
C LYS A 8 2.16 3.33 -4.17
N GLN A 9 1.94 4.54 -3.67
CA GLN A 9 2.19 4.83 -2.27
C GLN A 9 0.92 4.32 -1.59
N TYR A 10 1.09 3.76 -0.40
CA TYR A 10 -0.01 3.37 0.47
C TYR A 10 0.22 4.01 1.84
N LYS A 11 -0.84 4.45 2.50
CA LYS A 11 -0.79 5.05 3.85
C LYS A 11 -1.86 4.41 4.74
N ASN A 12 -1.55 4.19 6.01
CA ASN A 12 -2.41 3.46 6.93
C ASN A 12 -3.07 4.36 7.99
N PRO A 13 -4.40 4.60 7.91
CA PRO A 13 -5.17 5.36 8.91
C PRO A 13 -5.02 4.89 10.37
N HIS A 14 -4.72 3.60 10.60
CA HIS A 14 -4.68 2.97 11.93
C HIS A 14 -3.31 3.05 12.62
N THR A 15 -2.23 3.23 11.84
CA THR A 15 -0.83 3.14 12.34
C THR A 15 0.03 4.37 12.02
N GLY A 16 -0.39 5.20 11.05
CA GLY A 16 0.40 6.34 10.57
C GLY A 16 1.63 5.94 9.71
N GLU A 17 1.73 4.67 9.32
CA GLU A 17 2.75 4.14 8.42
C GLU A 17 2.39 4.50 6.98
N VAL A 18 3.43 4.63 6.16
CA VAL A 18 3.38 4.83 4.71
C VAL A 18 4.38 3.86 4.06
N ILE A 19 4.12 3.54 2.80
CA ILE A 19 4.92 2.68 1.92
C ILE A 19 4.83 3.22 0.48
N GLU A 20 5.69 2.68 -0.38
CA GLU A 20 5.74 2.89 -1.83
C GLU A 20 6.25 1.61 -2.51
N THR A 21 5.43 1.03 -3.39
CA THR A 21 5.75 -0.22 -4.11
C THR A 21 5.12 -0.19 -5.51
N LYS A 22 5.73 -0.84 -6.51
CA LYS A 22 5.18 -0.95 -7.87
C LYS A 22 4.31 -2.22 -8.05
N GLY A 23 4.03 -2.91 -6.94
CA GLY A 23 3.41 -4.23 -6.85
C GLY A 23 4.20 -5.22 -5.99
N GLY A 24 3.83 -6.49 -6.12
CA GLY A 24 4.55 -7.64 -5.57
C GLY A 24 4.39 -7.89 -4.06
N ASN A 25 4.85 -9.08 -3.66
CA ASN A 25 5.06 -9.54 -2.30
C ASN A 25 6.00 -8.55 -1.57
N HIS A 26 5.43 -7.68 -0.71
CA HIS A 26 6.17 -6.70 0.10
C HIS A 26 5.72 -6.75 1.58
N LYS A 27 6.66 -6.73 2.53
CA LYS A 27 6.44 -6.98 3.98
C LYS A 27 5.28 -6.19 4.61
N THR A 28 5.42 -4.87 4.75
CA THR A 28 4.40 -4.03 5.45
C THR A 28 3.05 -4.07 4.74
N LEU A 29 3.07 -4.06 3.40
CA LEU A 29 1.88 -4.16 2.54
C LEU A 29 1.09 -5.46 2.82
N LYS A 30 1.80 -6.59 3.04
CA LYS A 30 1.17 -7.87 3.40
C LYS A 30 0.55 -7.84 4.79
N GLU A 31 1.14 -7.14 5.76
CA GLU A 31 0.57 -7.06 7.11
C GLU A 31 -0.74 -6.30 7.11
N TRP A 32 -0.78 -5.20 6.37
CA TRP A 32 -2.01 -4.42 6.23
C TRP A 32 -3.15 -5.22 5.56
N LYS A 33 -2.83 -6.07 4.57
CA LYS A 33 -3.81 -7.00 3.99
C LYS A 33 -4.31 -8.04 5.00
N ALA A 34 -3.42 -8.50 5.90
CA ALA A 34 -3.79 -9.43 6.97
C ALA A 34 -4.73 -8.76 7.98
N LYS A 35 -4.33 -7.56 8.41
CA LYS A 35 -4.93 -6.82 9.50
C LYS A 35 -6.34 -6.27 9.18
N TRP A 36 -6.55 -5.82 7.93
CA TRP A 36 -7.81 -5.18 7.50
C TRP A 36 -8.34 -5.71 6.15
N GLY A 37 -7.52 -5.69 5.08
CA GLY A 37 -7.86 -6.33 3.79
C GLY A 37 -7.29 -5.62 2.55
N PRO A 38 -7.14 -6.31 1.41
CA PRO A 38 -6.58 -5.73 0.19
C PRO A 38 -7.44 -4.59 -0.40
N GLU A 39 -8.76 -4.65 -0.22
CA GLU A 39 -9.69 -3.60 -0.66
C GLU A 39 -9.41 -2.27 0.04
N ALA A 40 -9.23 -2.37 1.36
CA ALA A 40 -8.88 -1.27 2.25
C ALA A 40 -7.55 -0.64 1.80
N VAL A 41 -6.56 -1.52 1.67
CA VAL A 41 -5.18 -1.21 1.34
C VAL A 41 -5.09 -0.45 0.01
N GLU A 42 -5.76 -0.93 -1.04
CA GLU A 42 -5.85 -0.25 -2.34
C GLU A 42 -6.61 1.09 -2.23
N SER A 43 -7.67 1.16 -1.42
CA SER A 43 -8.49 2.36 -1.27
C SER A 43 -7.73 3.53 -0.65
N TRP A 44 -6.72 3.23 0.18
CA TRP A 44 -5.81 4.22 0.77
C TRP A 44 -4.66 4.66 -0.18
N ALA A 45 -4.50 4.06 -1.36
CA ALA A 45 -3.37 4.31 -2.23
C ALA A 45 -3.35 5.69 -2.91
N THR A 46 -2.19 5.95 -3.48
CA THR A 46 -1.73 7.16 -4.19
C THR A 46 -0.86 6.72 -5.38
N LEU A 47 -1.08 7.34 -6.53
CA LEU A 47 -0.32 7.09 -7.76
C LEU A 47 0.92 7.99 -7.80
N LEU A 48 2.08 7.35 -8.00
CA LEU A 48 3.39 7.96 -8.14
C LEU A 48 4.12 7.38 -9.37
N GLY A 49 4.89 8.23 -10.03
CA GLY A 49 5.81 7.85 -11.11
C GLY A 49 6.85 6.78 -10.71
N HIS A 50 7.38 6.06 -11.72
CA HIS A 50 8.39 4.99 -11.55
C HIS A 50 9.68 5.48 -10.84
N ALA A 4 3.56 1.75 -17.88
CA ALA A 4 4.82 1.70 -17.10
C ALA A 4 4.58 1.12 -15.69
N ARG A 5 5.61 0.58 -15.06
CA ARG A 5 5.62 0.05 -13.66
C ARG A 5 5.45 1.16 -12.60
N LYS A 6 4.33 1.89 -12.68
CA LYS A 6 3.88 2.98 -11.80
C LYS A 6 3.84 2.53 -10.34
N VAL A 7 4.41 3.39 -9.51
CA VAL A 7 4.40 3.28 -8.05
C VAL A 7 3.04 3.63 -7.45
N LYS A 8 2.57 2.83 -6.53
CA LYS A 8 1.44 3.13 -5.66
C LYS A 8 2.00 3.37 -4.26
N GLN A 9 1.73 4.55 -3.71
CA GLN A 9 1.98 4.81 -2.32
C GLN A 9 0.75 4.28 -1.59
N TYR A 10 0.98 3.76 -0.40
CA TYR A 10 -0.08 3.33 0.51
C TYR A 10 0.17 3.99 1.87
N LYS A 11 -0.88 4.42 2.56
CA LYS A 11 -0.82 5.03 3.90
C LYS A 11 -1.87 4.40 4.79
N ASN A 12 -1.52 4.12 6.05
CA ASN A 12 -2.39 3.37 6.97
C ASN A 12 -3.03 4.29 8.03
N PRO A 13 -4.36 4.54 7.99
CA PRO A 13 -5.10 5.32 8.98
C PRO A 13 -4.92 4.87 10.45
N HIS A 14 -4.65 3.59 10.68
CA HIS A 14 -4.56 2.98 12.02
C HIS A 14 -3.18 3.09 12.69
N THR A 15 -2.13 3.38 11.92
CA THR A 15 -0.72 3.42 12.40
C THR A 15 0.04 4.69 12.03
N GLY A 16 -0.40 5.42 11.00
CA GLY A 16 0.30 6.57 10.43
C GLY A 16 1.54 6.21 9.59
N GLU A 17 1.78 4.93 9.30
CA GLU A 17 2.82 4.47 8.40
C GLU A 17 2.40 4.65 6.94
N VAL A 18 3.42 4.73 6.11
CA VAL A 18 3.35 4.90 4.66
C VAL A 18 4.37 3.95 4.00
N ILE A 19 4.07 3.61 2.75
CA ILE A 19 4.86 2.77 1.85
C ILE A 19 4.73 3.29 0.42
N GLU A 20 5.59 2.76 -0.45
CA GLU A 20 5.63 2.98 -1.90
C GLU A 20 6.13 1.69 -2.57
N THR A 21 5.34 1.12 -3.48
CA THR A 21 5.69 -0.12 -4.21
C THR A 21 5.12 -0.06 -5.63
N LYS A 22 5.73 -0.77 -6.59
CA LYS A 22 5.22 -0.89 -7.97
C LYS A 22 4.36 -2.16 -8.16
N GLY A 23 4.05 -2.85 -7.05
CA GLY A 23 3.40 -4.15 -6.98
C GLY A 23 4.15 -5.16 -6.11
N GLY A 24 3.74 -6.42 -6.24
CA GLY A 24 4.43 -7.59 -5.70
C GLY A 24 4.29 -7.83 -4.18
N ASN A 25 4.76 -9.01 -3.78
CA ASN A 25 4.97 -9.46 -2.41
C ASN A 25 5.96 -8.49 -1.71
N HIS A 26 5.42 -7.60 -0.86
CA HIS A 26 6.18 -6.61 -0.07
C HIS A 26 5.75 -6.69 1.40
N LYS A 27 6.71 -6.74 2.33
CA LYS A 27 6.48 -7.05 3.77
C LYS A 27 5.37 -6.23 4.47
N THR A 28 5.53 -4.91 4.62
CA THR A 28 4.54 -4.07 5.34
C THR A 28 3.17 -4.11 4.66
N LEU A 29 3.16 -4.07 3.32
CA LEU A 29 1.93 -4.15 2.52
C LEU A 29 1.16 -5.46 2.78
N LYS A 30 1.86 -6.58 2.96
CA LYS A 30 1.26 -7.87 3.32
C LYS A 30 0.68 -7.87 4.74
N GLU A 31 1.30 -7.18 5.70
CA GLU A 31 0.77 -7.12 7.07
C GLU A 31 -0.53 -6.35 7.10
N TRP A 32 -0.58 -5.24 6.37
CA TRP A 32 -1.80 -4.43 6.25
C TRP A 32 -2.97 -5.20 5.63
N LYS A 33 -2.71 -6.04 4.62
CA LYS A 33 -3.72 -6.95 4.06
C LYS A 33 -4.17 -8.02 5.06
N ALA A 34 -3.28 -8.48 5.93
CA ALA A 34 -3.62 -9.45 6.97
C ALA A 34 -4.50 -8.80 8.05
N LYS A 35 -4.07 -7.62 8.52
CA LYS A 35 -4.59 -6.93 9.68
C LYS A 35 -5.95 -6.24 9.44
N TRP A 36 -6.19 -5.72 8.23
CA TRP A 36 -7.41 -4.97 7.87
C TRP A 36 -8.06 -5.43 6.55
N GLY A 37 -7.29 -5.60 5.47
CA GLY A 37 -7.76 -6.23 4.22
C GLY A 37 -7.26 -5.56 2.93
N PRO A 38 -7.16 -6.30 1.80
CA PRO A 38 -6.73 -5.73 0.52
C PRO A 38 -7.65 -4.63 -0.01
N GLU A 39 -8.96 -4.71 0.23
CA GLU A 39 -9.93 -3.70 -0.20
C GLU A 39 -9.62 -2.34 0.44
N ALA A 40 -9.37 -2.41 1.75
CA ALA A 40 -8.98 -1.26 2.58
C ALA A 40 -7.67 -0.67 2.04
N VAL A 41 -6.67 -1.54 1.92
CA VAL A 41 -5.30 -1.21 1.55
C VAL A 41 -5.23 -0.53 0.18
N GLU A 42 -5.92 -1.08 -0.82
CA GLU A 42 -5.99 -0.46 -2.16
C GLU A 42 -6.77 0.85 -2.14
N SER A 43 -7.83 0.97 -1.32
CA SER A 43 -8.62 2.20 -1.20
C SER A 43 -7.81 3.36 -0.60
N TRP A 44 -6.87 3.05 0.31
CA TRP A 44 -5.95 4.02 0.89
C TRP A 44 -4.86 4.52 -0.09
N ALA A 45 -4.68 3.87 -1.26
CA ALA A 45 -3.56 4.15 -2.14
C ALA A 45 -3.63 5.50 -2.87
N THR A 46 -2.47 5.79 -3.46
CA THR A 46 -2.06 7.01 -4.18
C THR A 46 -1.16 6.58 -5.34
N LEU A 47 -1.25 7.26 -6.49
CA LEU A 47 -0.50 6.89 -7.69
C LEU A 47 0.60 7.92 -7.94
N LEU A 48 1.84 7.43 -8.04
CA LEU A 48 3.09 8.19 -8.12
C LEU A 48 3.85 7.85 -9.41
N GLY A 49 4.23 8.89 -10.15
CA GLY A 49 4.86 8.79 -11.47
C GLY A 49 6.39 8.74 -11.48
N HIS A 50 7.04 9.08 -10.35
CA HIS A 50 8.50 9.10 -10.16
C HIS A 50 8.87 8.77 -8.70
N ALA A 4 3.24 1.51 -17.75
CA ALA A 4 4.54 1.55 -17.02
C ALA A 4 4.40 1.01 -15.59
N ARG A 5 5.49 0.55 -14.99
CA ARG A 5 5.58 0.05 -13.59
C ARG A 5 5.44 1.17 -12.53
N LYS A 6 4.33 1.91 -12.60
CA LYS A 6 3.89 3.01 -11.73
C LYS A 6 3.86 2.57 -10.28
N VAL A 7 4.47 3.41 -9.46
CA VAL A 7 4.47 3.31 -8.00
C VAL A 7 3.12 3.69 -7.41
N LYS A 8 2.64 2.86 -6.49
CA LYS A 8 1.51 3.16 -5.62
C LYS A 8 2.09 3.40 -4.24
N GLN A 9 1.83 4.58 -3.69
CA GLN A 9 2.08 4.85 -2.30
C GLN A 9 0.84 4.32 -1.59
N TYR A 10 1.03 3.77 -0.41
CA TYR A 10 -0.05 3.36 0.47
C TYR A 10 0.18 4.02 1.84
N LYS A 11 -0.87 4.45 2.53
CA LYS A 11 -0.83 5.04 3.86
C LYS A 11 -1.88 4.39 4.74
N ASN A 12 -1.55 4.10 6.00
CA ASN A 12 -2.44 3.37 6.91
C ASN A 12 -3.09 4.28 7.96
N PRO A 13 -4.42 4.53 7.89
CA PRO A 13 -5.17 5.30 8.88
C PRO A 13 -5.01 4.86 10.34
N HIS A 14 -4.73 3.57 10.58
CA HIS A 14 -4.68 2.95 11.92
C HIS A 14 -3.31 3.07 12.60
N THR A 15 -2.24 3.36 11.86
CA THR A 15 -0.85 3.39 12.35
C THR A 15 -0.08 4.67 12.00
N GLY A 16 -0.49 5.39 10.95
CA GLY A 16 0.23 6.55 10.41
C GLY A 16 1.46 6.19 9.58
N GLU A 17 1.70 4.89 9.30
CA GLU A 17 2.76 4.44 8.41
C GLU A 17 2.36 4.63 6.95
N VAL A 18 3.38 4.71 6.13
CA VAL A 18 3.34 4.89 4.68
C VAL A 18 4.36 3.97 4.00
N ILE A 19 4.09 3.65 2.75
CA ILE A 19 4.90 2.82 1.86
C ILE A 19 4.81 3.35 0.43
N GLU A 20 5.66 2.81 -0.43
CA GLU A 20 5.70 2.97 -1.89
C GLU A 20 6.19 1.68 -2.53
N THR A 21 5.39 1.11 -3.44
CA THR A 21 5.72 -0.13 -4.16
C THR A 21 5.17 -0.06 -5.59
N LYS A 22 5.74 -0.80 -6.54
CA LYS A 22 5.22 -0.93 -7.93
C LYS A 22 4.35 -2.18 -8.09
N GLY A 23 4.02 -2.84 -6.98
CA GLY A 23 3.38 -4.16 -6.89
C GLY A 23 4.17 -5.16 -6.04
N GLY A 24 3.78 -6.42 -6.17
CA GLY A 24 4.49 -7.58 -5.62
C GLY A 24 4.35 -7.82 -4.12
N ASN A 25 4.81 -9.01 -3.71
CA ASN A 25 5.03 -9.46 -2.34
C ASN A 25 6.02 -8.48 -1.65
N HIS A 26 5.48 -7.58 -0.82
CA HIS A 26 6.24 -6.59 -0.03
C HIS A 26 5.79 -6.63 1.44
N LYS A 27 6.73 -6.77 2.38
CA LYS A 27 6.48 -7.06 3.81
C LYS A 27 5.36 -6.26 4.48
N THR A 28 5.52 -4.95 4.65
CA THR A 28 4.51 -4.10 5.34
C THR A 28 3.14 -4.13 4.64
N LEU A 29 3.14 -4.09 3.31
CA LEU A 29 1.94 -4.16 2.48
C LEU A 29 1.16 -5.46 2.71
N LYS A 30 1.87 -6.60 2.89
CA LYS A 30 1.27 -7.90 3.23
C LYS A 30 0.69 -7.93 4.64
N GLU A 31 1.27 -7.21 5.61
CA GLU A 31 0.71 -7.15 6.96
C GLU A 31 -0.61 -6.38 6.96
N TRP A 32 -0.64 -5.27 6.24
CA TRP A 32 -1.86 -4.45 6.15
C TRP A 32 -3.02 -5.22 5.50
N LYS A 33 -2.76 -6.09 4.52
CA LYS A 33 -3.77 -7.00 3.95
C LYS A 33 -4.25 -8.04 4.97
N ALA A 34 -3.36 -8.53 5.83
CA ALA A 34 -3.71 -9.47 6.89
C ALA A 34 -4.62 -8.80 7.94
N LYS A 35 -4.17 -7.62 8.39
CA LYS A 35 -4.71 -6.89 9.52
C LYS A 35 -6.05 -6.19 9.24
N TRP A 36 -6.28 -5.72 8.01
CA TRP A 36 -7.49 -4.95 7.62
C TRP A 36 -8.11 -5.40 6.29
N GLY A 37 -7.33 -5.56 5.22
CA GLY A 37 -7.78 -6.20 3.96
C GLY A 37 -7.25 -5.56 2.67
N PRO A 38 -7.13 -6.30 1.56
CA PRO A 38 -6.63 -5.76 0.29
C PRO A 38 -7.50 -4.65 -0.32
N GLU A 39 -8.82 -4.71 -0.10
CA GLU A 39 -9.77 -3.67 -0.56
C GLU A 39 -9.48 -2.33 0.10
N ALA A 40 -9.29 -2.40 1.42
CA ALA A 40 -8.93 -1.28 2.27
C ALA A 40 -7.61 -0.66 1.81
N VAL A 41 -6.60 -1.53 1.69
CA VAL A 41 -5.23 -1.21 1.36
C VAL A 41 -5.13 -0.50 0.00
N GLU A 42 -5.80 -1.01 -1.02
CA GLU A 42 -5.89 -0.35 -2.33
C GLU A 42 -6.66 0.98 -2.26
N SER A 43 -7.72 1.05 -1.45
CA SER A 43 -8.55 2.26 -1.30
C SER A 43 -7.77 3.42 -0.65
N TRP A 44 -6.80 3.10 0.21
CA TRP A 44 -5.87 4.07 0.80
C TRP A 44 -4.76 4.54 -0.16
N ALA A 45 -4.59 3.94 -1.34
CA ALA A 45 -3.47 4.21 -2.21
C ALA A 45 -3.51 5.59 -2.91
N THR A 46 -2.35 5.87 -3.49
CA THR A 46 -1.93 7.10 -4.18
C THR A 46 -1.03 6.70 -5.35
N LEU A 47 -1.23 7.32 -6.50
CA LEU A 47 -0.46 7.06 -7.73
C LEU A 47 0.71 8.04 -7.81
N LEU A 48 1.92 7.49 -8.01
CA LEU A 48 3.17 8.22 -8.11
C LEU A 48 3.94 7.84 -9.39
N GLY A 49 4.39 8.86 -10.10
CA GLY A 49 5.23 8.74 -11.31
C GLY A 49 6.71 8.48 -11.04
N HIS A 50 7.09 8.11 -9.80
CA HIS A 50 8.45 7.73 -9.40
C HIS A 50 9.00 6.52 -10.17
N ALA A 4 3.16 1.33 -17.68
CA ALA A 4 4.47 1.43 -16.99
C ALA A 4 4.39 0.91 -15.55
N ARG A 5 5.52 0.50 -14.96
CA ARG A 5 5.68 0.06 -13.55
C ARG A 5 5.50 1.21 -12.53
N LYS A 6 4.35 1.88 -12.60
CA LYS A 6 3.89 2.98 -11.74
C LYS A 6 3.90 2.55 -10.27
N VAL A 7 4.53 3.40 -9.48
CA VAL A 7 4.56 3.31 -8.03
C VAL A 7 3.22 3.70 -7.42
N LYS A 8 2.73 2.87 -6.50
CA LYS A 8 1.60 3.18 -5.63
C LYS A 8 2.17 3.45 -4.25
N GLN A 9 1.89 4.63 -3.72
CA GLN A 9 2.15 4.91 -2.34
C GLN A 9 0.91 4.37 -1.63
N TYR A 10 1.10 3.84 -0.44
CA TYR A 10 0.03 3.38 0.43
C TYR A 10 0.24 4.03 1.81
N LYS A 11 -0.84 4.45 2.48
CA LYS A 11 -0.81 5.05 3.82
C LYS A 11 -1.86 4.38 4.70
N ASN A 12 -1.54 4.12 5.96
CA ASN A 12 -2.41 3.39 6.87
C ASN A 12 -3.09 4.31 7.91
N PRO A 13 -4.42 4.54 7.82
CA PRO A 13 -5.18 5.33 8.80
C PRO A 13 -5.04 4.90 10.27
N HIS A 14 -4.74 3.62 10.54
CA HIS A 14 -4.69 3.03 11.89
C HIS A 14 -3.32 3.15 12.58
N THR A 15 -2.25 3.38 11.81
CA THR A 15 -0.85 3.36 12.32
C THR A 15 -0.02 4.60 11.94
N GLY A 16 -0.41 5.35 10.91
CA GLY A 16 0.36 6.47 10.38
C GLY A 16 1.61 6.04 9.58
N GLU A 17 1.76 4.75 9.26
CA GLU A 17 2.77 4.22 8.37
C GLU A 17 2.39 4.55 6.93
N VAL A 18 3.42 4.72 6.11
CA VAL A 18 3.37 4.92 4.66
C VAL A 18 4.40 3.99 4.00
N ILE A 19 4.13 3.65 2.75
CA ILE A 19 4.95 2.81 1.87
C ILE A 19 4.84 3.34 0.43
N GLU A 20 5.70 2.82 -0.43
CA GLU A 20 5.75 3.03 -1.88
C GLU A 20 6.27 1.75 -2.56
N THR A 21 5.48 1.17 -3.46
CA THR A 21 5.81 -0.08 -4.17
C THR A 21 5.23 -0.04 -5.59
N LYS A 22 5.80 -0.78 -6.53
CA LYS A 22 5.28 -0.89 -7.93
C LYS A 22 4.39 -2.13 -8.11
N GLY A 23 4.03 -2.79 -7.01
CA GLY A 23 3.35 -4.08 -6.94
C GLY A 23 4.10 -5.12 -6.09
N GLY A 24 3.66 -6.36 -6.20
CA GLY A 24 4.35 -7.54 -5.66
C GLY A 24 4.24 -7.78 -4.15
N ASN A 25 4.71 -8.97 -3.74
CA ASN A 25 4.94 -9.41 -2.37
C ASN A 25 5.92 -8.44 -1.68
N HIS A 26 5.39 -7.55 -0.82
CA HIS A 26 6.16 -6.58 -0.01
C HIS A 26 5.71 -6.66 1.46
N LYS A 27 6.66 -6.68 2.40
CA LYS A 27 6.44 -6.98 3.84
C LYS A 27 5.32 -6.17 4.52
N THR A 28 5.49 -4.85 4.71
CA THR A 28 4.50 -4.01 5.42
C THR A 28 3.13 -4.04 4.73
N LEU A 29 3.14 -3.99 3.39
CA LEU A 29 1.94 -4.08 2.55
C LEU A 29 1.14 -5.39 2.82
N LYS A 30 1.84 -6.51 3.02
CA LYS A 30 1.22 -7.80 3.38
C LYS A 30 0.63 -7.80 4.79
N GLU A 31 1.24 -7.11 5.75
CA GLU A 31 0.69 -7.06 7.12
C GLU A 31 -0.62 -6.28 7.14
N TRP A 32 -0.67 -5.19 6.39
CA TRP A 32 -1.90 -4.40 6.24
C TRP A 32 -3.04 -5.20 5.59
N LYS A 33 -2.74 -6.07 4.62
CA LYS A 33 -3.72 -6.99 4.03
C LYS A 33 -4.21 -8.03 5.06
N ALA A 34 -3.33 -8.50 5.94
CA ALA A 34 -3.68 -9.44 7.00
C ALA A 34 -4.62 -8.78 8.03
N LYS A 35 -4.22 -7.58 8.46
CA LYS A 35 -4.81 -6.85 9.57
C LYS A 35 -6.15 -6.17 9.26
N TRP A 36 -6.34 -5.69 8.01
CA TRP A 36 -7.54 -4.95 7.59
C TRP A 36 -8.14 -5.41 6.25
N GLY A 37 -7.32 -5.59 5.20
CA GLY A 37 -7.74 -6.25 3.94
C GLY A 37 -7.20 -5.60 2.65
N PRO A 38 -7.05 -6.35 1.55
CA PRO A 38 -6.53 -5.83 0.28
C PRO A 38 -7.38 -4.71 -0.35
N GLU A 39 -8.70 -4.78 -0.17
CA GLU A 39 -9.64 -3.75 -0.68
C GLU A 39 -9.37 -2.40 -0.02
N ALA A 40 -9.23 -2.46 1.31
CA ALA A 40 -8.90 -1.33 2.17
C ALA A 40 -7.57 -0.71 1.73
N VAL A 41 -6.57 -1.58 1.65
CA VAL A 41 -5.18 -1.26 1.35
C VAL A 41 -5.05 -0.55 0.00
N GLU A 42 -5.69 -1.08 -1.05
CA GLU A 42 -5.73 -0.43 -2.36
C GLU A 42 -6.54 0.88 -2.34
N SER A 43 -7.62 0.96 -1.54
CA SER A 43 -8.44 2.17 -1.44
C SER A 43 -7.69 3.34 -0.78
N TRP A 44 -6.75 3.04 0.12
CA TRP A 44 -5.86 4.03 0.74
C TRP A 44 -4.72 4.52 -0.18
N ALA A 45 -4.52 3.90 -1.36
CA ALA A 45 -3.38 4.19 -2.22
C ALA A 45 -3.45 5.56 -2.92
N THR A 46 -2.30 5.87 -3.49
CA THR A 46 -1.89 7.09 -4.19
C THR A 46 -1.00 6.70 -5.36
N LEU A 47 -1.17 7.36 -6.51
CA LEU A 47 -0.42 7.07 -7.74
C LEU A 47 0.76 8.04 -7.87
N LEU A 48 1.95 7.48 -8.06
CA LEU A 48 3.22 8.19 -8.15
C LEU A 48 3.96 7.82 -9.46
N GLY A 49 4.23 8.85 -10.26
CA GLY A 49 4.82 8.71 -11.61
C GLY A 49 6.36 8.70 -11.66
N HIS A 50 7.02 8.97 -10.52
CA HIS A 50 8.49 9.05 -10.38
C HIS A 50 8.94 8.44 -9.03
N ALA A 4 3.12 1.57 -17.77
CA ALA A 4 4.44 1.47 -17.09
C ALA A 4 4.28 1.02 -15.64
N ARG A 5 5.33 0.43 -15.04
CA ARG A 5 5.42 0.01 -13.63
C ARG A 5 5.39 1.20 -12.63
N LYS A 6 4.30 1.96 -12.64
CA LYS A 6 3.95 3.07 -11.77
C LYS A 6 3.97 2.63 -10.31
N VAL A 7 4.55 3.51 -9.50
CA VAL A 7 4.54 3.42 -8.05
C VAL A 7 3.20 3.84 -7.47
N LYS A 8 2.70 3.07 -6.51
CA LYS A 8 1.58 3.44 -5.66
C LYS A 8 2.08 3.54 -4.24
N GLN A 9 1.92 4.72 -3.65
CA GLN A 9 2.12 4.94 -2.24
C GLN A 9 0.86 4.39 -1.58
N TYR A 10 1.03 3.85 -0.39
CA TYR A 10 -0.06 3.41 0.48
C TYR A 10 0.16 4.03 1.86
N LYS A 11 -0.91 4.48 2.52
CA LYS A 11 -0.87 5.11 3.85
C LYS A 11 -1.94 4.49 4.75
N ASN A 12 -1.56 4.06 5.94
CA ASN A 12 -2.45 3.32 6.83
C ASN A 12 -3.15 4.25 7.85
N PRO A 13 -4.48 4.47 7.75
CA PRO A 13 -5.22 5.35 8.65
C PRO A 13 -5.28 4.85 10.12
N HIS A 14 -4.96 3.57 10.37
CA HIS A 14 -4.94 2.97 11.72
C HIS A 14 -3.60 3.11 12.45
N THR A 15 -2.49 3.32 11.73
CA THR A 15 -1.12 3.31 12.30
C THR A 15 -0.25 4.53 11.96
N GLY A 16 -0.58 5.26 10.88
CA GLY A 16 0.24 6.37 10.37
C GLY A 16 1.50 5.93 9.61
N GLU A 17 1.65 4.63 9.31
CA GLU A 17 2.67 4.09 8.43
C GLU A 17 2.33 4.45 6.98
N VAL A 18 3.37 4.62 6.18
CA VAL A 18 3.34 4.84 4.73
C VAL A 18 4.36 3.92 4.06
N ILE A 19 4.09 3.60 2.80
CA ILE A 19 4.88 2.78 1.89
C ILE A 19 4.77 3.34 0.47
N GLU A 20 5.62 2.83 -0.41
CA GLU A 20 5.66 3.06 -1.85
C GLU A 20 6.18 1.80 -2.56
N THR A 21 5.38 1.23 -3.47
CA THR A 21 5.72 -0.01 -4.19
C THR A 21 5.14 0.05 -5.62
N LYS A 22 5.72 -0.69 -6.56
CA LYS A 22 5.20 -0.83 -7.94
C LYS A 22 4.35 -2.12 -8.09
N GLY A 23 4.12 -2.82 -6.98
CA GLY A 23 3.44 -4.11 -6.88
C GLY A 23 4.19 -5.14 -6.03
N GLY A 24 3.78 -6.39 -6.16
CA GLY A 24 4.44 -7.57 -5.63
C GLY A 24 4.33 -7.81 -4.12
N ASN A 25 4.80 -9.00 -3.72
CA ASN A 25 5.03 -9.44 -2.35
C ASN A 25 6.01 -8.48 -1.66
N HIS A 26 5.47 -7.57 -0.82
CA HIS A 26 6.21 -6.57 -0.04
C HIS A 26 5.75 -6.61 1.43
N LYS A 27 6.68 -6.77 2.38
CA LYS A 27 6.40 -7.07 3.81
C LYS A 27 5.26 -6.24 4.46
N THR A 28 5.43 -4.94 4.64
CA THR A 28 4.44 -4.10 5.35
C THR A 28 3.07 -4.11 4.66
N LEU A 29 3.08 -4.06 3.32
CA LEU A 29 1.87 -4.13 2.50
C LEU A 29 1.09 -5.44 2.72
N LYS A 30 1.80 -6.57 2.88
CA LYS A 30 1.19 -7.87 3.22
C LYS A 30 0.61 -7.91 4.64
N GLU A 31 1.20 -7.21 5.61
CA GLU A 31 0.64 -7.16 6.96
C GLU A 31 -0.68 -6.40 6.99
N TRP A 32 -0.72 -5.28 6.28
CA TRP A 32 -1.94 -4.48 6.16
C TRP A 32 -3.10 -5.26 5.53
N LYS A 33 -2.82 -6.11 4.54
CA LYS A 33 -3.83 -7.03 3.97
C LYS A 33 -4.31 -8.07 4.99
N ALA A 34 -3.42 -8.57 5.86
CA ALA A 34 -3.77 -9.51 6.91
C ALA A 34 -4.69 -8.84 7.95
N LYS A 35 -4.27 -7.65 8.40
CA LYS A 35 -4.82 -6.93 9.52
C LYS A 35 -6.17 -6.23 9.23
N TRP A 36 -6.37 -5.75 7.99
CA TRP A 36 -7.58 -4.98 7.60
C TRP A 36 -8.21 -5.45 6.27
N GLY A 37 -7.41 -5.61 5.20
CA GLY A 37 -7.85 -6.25 3.95
C GLY A 37 -7.32 -5.60 2.66
N PRO A 38 -7.18 -6.35 1.55
CA PRO A 38 -6.67 -5.80 0.28
C PRO A 38 -7.54 -4.69 -0.34
N GLU A 39 -8.86 -4.75 -0.15
CA GLU A 39 -9.80 -3.72 -0.63
C GLU A 39 -9.52 -2.37 0.02
N ALA A 40 -9.34 -2.43 1.35
CA ALA A 40 -8.99 -1.29 2.18
C ALA A 40 -7.64 -0.71 1.73
N VAL A 41 -6.65 -1.59 1.65
CA VAL A 41 -5.27 -1.27 1.33
C VAL A 41 -5.13 -0.57 -0.02
N GLU A 42 -5.79 -1.09 -1.06
CA GLU A 42 -5.85 -0.45 -2.38
C GLU A 42 -6.61 0.89 -2.35
N SER A 43 -7.68 0.99 -1.56
CA SER A 43 -8.48 2.22 -1.43
C SER A 43 -7.70 3.36 -0.78
N TRP A 44 -6.75 3.04 0.10
CA TRP A 44 -5.83 4.00 0.71
C TRP A 44 -4.71 4.47 -0.24
N ALA A 45 -4.51 3.86 -1.41
CA ALA A 45 -3.39 4.17 -2.28
C ALA A 45 -3.46 5.55 -2.96
N THR A 46 -2.30 5.90 -3.51
CA THR A 46 -1.92 7.15 -4.15
C THR A 46 -0.95 6.84 -5.28
N LEU A 47 -1.14 7.41 -6.46
CA LEU A 47 -0.38 7.05 -7.67
C LEU A 47 0.72 8.10 -7.92
N LEU A 48 1.95 7.60 -8.01
CA LEU A 48 3.19 8.37 -8.07
C LEU A 48 3.97 8.06 -9.35
N GLY A 49 4.27 9.12 -10.11
CA GLY A 49 4.92 9.05 -11.42
C GLY A 49 6.42 8.73 -11.39
N HIS A 50 7.08 8.93 -10.25
CA HIS A 50 8.51 8.64 -10.02
C HIS A 50 8.81 8.34 -8.53
N ALA A 4 3.61 2.00 -17.86
CA ALA A 4 4.85 1.74 -17.07
C ALA A 4 4.53 1.18 -15.68
N ARG A 5 5.47 0.49 -15.05
CA ARG A 5 5.40 -0.06 -13.67
C ARG A 5 5.30 1.02 -12.57
N LYS A 6 4.23 1.82 -12.61
CA LYS A 6 3.86 2.90 -11.69
C LYS A 6 3.83 2.41 -10.25
N VAL A 7 4.47 3.20 -9.41
CA VAL A 7 4.45 3.08 -7.95
C VAL A 7 3.09 3.46 -7.38
N LYS A 8 2.60 2.65 -6.44
CA LYS A 8 1.47 2.98 -5.59
C LYS A 8 2.03 3.24 -4.21
N GLN A 9 1.80 4.44 -3.70
CA GLN A 9 2.06 4.74 -2.31
C GLN A 9 0.82 4.23 -1.59
N TYR A 10 1.01 3.71 -0.39
CA TYR A 10 -0.06 3.31 0.51
C TYR A 10 0.18 3.98 1.86
N LYS A 11 -0.87 4.46 2.52
CA LYS A 11 -0.81 5.10 3.85
C LYS A 11 -1.88 4.51 4.76
N ASN A 12 -1.50 4.12 5.97
CA ASN A 12 -2.39 3.40 6.88
C ASN A 12 -3.03 4.36 7.90
N PRO A 13 -4.35 4.62 7.84
CA PRO A 13 -5.05 5.51 8.76
C PRO A 13 -5.10 5.02 10.23
N HIS A 14 -4.81 3.74 10.49
CA HIS A 14 -4.78 3.13 11.84
C HIS A 14 -3.42 3.24 12.54
N THR A 15 -2.33 3.51 11.81
CA THR A 15 -0.94 3.54 12.35
C THR A 15 -0.14 4.80 12.00
N GLY A 16 -0.50 5.50 10.91
CA GLY A 16 0.25 6.64 10.38
C GLY A 16 1.50 6.24 9.56
N GLU A 17 1.70 4.94 9.29
CA GLU A 17 2.76 4.46 8.40
C GLU A 17 2.38 4.64 6.95
N VAL A 18 3.43 4.70 6.13
CA VAL A 18 3.39 4.85 4.68
C VAL A 18 4.39 3.89 4.03
N ILE A 19 4.10 3.53 2.79
CA ILE A 19 4.89 2.68 1.90
C ILE A 19 4.77 3.19 0.47
N GLU A 20 5.62 2.66 -0.40
CA GLU A 20 5.67 2.84 -1.85
C GLU A 20 6.17 1.55 -2.51
N THR A 21 5.35 0.97 -3.39
CA THR A 21 5.68 -0.28 -4.11
C THR A 21 5.06 -0.25 -5.52
N LYS A 22 5.66 -0.92 -6.50
CA LYS A 22 5.12 -1.03 -7.87
C LYS A 22 4.30 -2.33 -8.06
N GLY A 23 4.02 -3.02 -6.96
CA GLY A 23 3.40 -4.34 -6.88
C GLY A 23 4.19 -5.32 -6.00
N GLY A 24 3.82 -6.59 -6.13
CA GLY A 24 4.53 -7.74 -5.58
C GLY A 24 4.40 -7.98 -4.06
N ASN A 25 4.88 -9.16 -3.67
CA ASN A 25 5.10 -9.62 -2.30
C ASN A 25 6.07 -8.64 -1.59
N HIS A 26 5.51 -7.74 -0.76
CA HIS A 26 6.25 -6.74 0.04
C HIS A 26 5.76 -6.79 1.50
N LYS A 27 6.69 -6.86 2.47
CA LYS A 27 6.39 -7.14 3.90
C LYS A 27 5.28 -6.31 4.54
N THR A 28 5.46 -5.00 4.70
CA THR A 28 4.47 -4.14 5.40
C THR A 28 3.10 -4.16 4.70
N LEU A 29 3.11 -4.13 3.37
CA LEU A 29 1.90 -4.21 2.54
C LEU A 29 1.11 -5.50 2.80
N LYS A 30 1.80 -6.63 3.01
CA LYS A 30 1.17 -7.92 3.37
C LYS A 30 0.56 -7.89 4.77
N GLU A 31 1.19 -7.22 5.73
CA GLU A 31 0.64 -7.13 7.09
C GLU A 31 -0.66 -6.34 7.10
N TRP A 32 -0.68 -5.24 6.36
CA TRP A 32 -1.90 -4.41 6.24
C TRP A 32 -3.07 -5.18 5.60
N LYS A 33 -2.80 -6.03 4.60
CA LYS A 33 -3.82 -6.92 4.02
C LYS A 33 -4.30 -7.98 5.02
N ALA A 34 -3.42 -8.45 5.91
CA ALA A 34 -3.79 -9.39 6.97
C ALA A 34 -4.68 -8.72 8.03
N LYS A 35 -4.22 -7.55 8.50
CA LYS A 35 -4.75 -6.82 9.64
C LYS A 35 -6.09 -6.12 9.39
N TRP A 36 -6.32 -5.61 8.17
CA TRP A 36 -7.52 -4.85 7.80
C TRP A 36 -8.17 -5.31 6.48
N GLY A 37 -7.39 -5.51 5.42
CA GLY A 37 -7.85 -6.15 4.16
C GLY A 37 -7.34 -5.49 2.87
N PRO A 38 -7.23 -6.22 1.75
CA PRO A 38 -6.78 -5.66 0.46
C PRO A 38 -7.69 -4.55 -0.08
N GLU A 39 -9.01 -4.63 0.16
CA GLU A 39 -9.96 -3.60 -0.26
C GLU A 39 -9.65 -2.24 0.38
N ALA A 40 -9.39 -2.31 1.68
CA ALA A 40 -9.00 -1.19 2.51
C ALA A 40 -7.69 -0.59 1.99
N VAL A 41 -6.69 -1.47 1.88
CA VAL A 41 -5.32 -1.15 1.50
C VAL A 41 -5.25 -0.46 0.14
N GLU A 42 -5.93 -1.00 -0.87
CA GLU A 42 -5.99 -0.39 -2.20
C GLU A 42 -6.76 0.94 -2.20
N SER A 43 -7.81 1.06 -1.37
CA SER A 43 -8.59 2.30 -1.23
C SER A 43 -7.77 3.45 -0.64
N TRP A 44 -6.84 3.14 0.27
CA TRP A 44 -5.90 4.10 0.86
C TRP A 44 -4.80 4.58 -0.12
N ALA A 45 -4.64 3.94 -1.29
CA ALA A 45 -3.50 4.19 -2.16
C ALA A 45 -3.52 5.55 -2.88
N THR A 46 -2.36 5.81 -3.47
CA THR A 46 -1.91 7.00 -4.20
C THR A 46 -1.05 6.54 -5.37
N LEU A 47 -1.16 7.19 -6.53
CA LEU A 47 -0.45 6.83 -7.76
C LEU A 47 0.71 7.80 -8.01
N LEU A 48 1.90 7.22 -8.07
CA LEU A 48 3.20 7.88 -8.20
C LEU A 48 3.96 7.33 -9.42
N GLY A 49 4.84 8.18 -9.95
CA GLY A 49 5.75 7.90 -11.06
C GLY A 49 6.85 6.85 -10.77
N HIS A 50 7.68 6.58 -11.78
CA HIS A 50 8.84 5.65 -11.72
C HIS A 50 10.05 6.26 -12.47
N ALA A 4 3.48 1.70 -17.88
CA ALA A 4 4.75 1.67 -17.11
C ALA A 4 4.53 1.11 -15.71
N ARG A 5 5.59 0.58 -15.07
CA ARG A 5 5.62 0.06 -13.67
C ARG A 5 5.45 1.17 -12.61
N LYS A 6 4.32 1.89 -12.68
CA LYS A 6 3.87 2.97 -11.81
C LYS A 6 3.84 2.52 -10.34
N VAL A 7 4.43 3.36 -9.51
CA VAL A 7 4.43 3.25 -8.06
C VAL A 7 3.08 3.63 -7.46
N LYS A 8 2.60 2.82 -6.52
CA LYS A 8 1.46 3.13 -5.67
C LYS A 8 2.03 3.37 -4.27
N GLN A 9 1.76 4.55 -3.72
CA GLN A 9 2.01 4.82 -2.33
C GLN A 9 0.77 4.29 -1.61
N TYR A 10 0.98 3.77 -0.42
CA TYR A 10 -0.08 3.34 0.48
C TYR A 10 0.16 3.99 1.84
N LYS A 11 -0.90 4.42 2.54
CA LYS A 11 -0.83 5.01 3.88
C LYS A 11 -1.88 4.36 4.78
N ASN A 12 -1.53 4.10 6.04
CA ASN A 12 -2.40 3.35 6.97
C ASN A 12 -3.03 4.26 8.05
N PRO A 13 -4.37 4.50 7.99
CA PRO A 13 -5.10 5.28 9.00
C PRO A 13 -4.93 4.83 10.46
N HIS A 14 -4.63 3.55 10.69
CA HIS A 14 -4.55 2.95 12.04
C HIS A 14 -3.17 3.05 12.70
N THR A 15 -2.11 3.28 11.91
CA THR A 15 -0.71 3.25 12.38
C THR A 15 0.13 4.48 12.00
N GLY A 16 -0.30 5.26 11.00
CA GLY A 16 0.47 6.39 10.45
C GLY A 16 1.71 5.98 9.63
N GLU A 17 1.83 4.69 9.29
CA GLU A 17 2.83 4.16 8.37
C GLU A 17 2.42 4.51 6.93
N VAL A 18 3.44 4.67 6.10
CA VAL A 18 3.36 4.85 4.66
C VAL A 18 4.36 3.91 3.98
N ILE A 19 4.08 3.57 2.73
CA ILE A 19 4.87 2.73 1.83
C ILE A 19 4.74 3.26 0.40
N GLU A 20 5.61 2.76 -0.47
CA GLU A 20 5.65 2.97 -1.92
C GLU A 20 6.16 1.70 -2.60
N THR A 21 5.35 1.11 -3.48
CA THR A 21 5.68 -0.14 -4.18
C THR A 21 5.11 -0.09 -5.60
N LYS A 22 5.70 -0.82 -6.56
CA LYS A 22 5.18 -0.94 -7.94
C LYS A 22 4.32 -2.22 -8.11
N GLY A 23 4.02 -2.90 -7.00
CA GLY A 23 3.39 -4.20 -6.91
C GLY A 23 4.16 -5.20 -6.03
N GLY A 24 3.77 -6.47 -6.16
CA GLY A 24 4.47 -7.62 -5.60
C GLY A 24 4.34 -7.86 -4.10
N ASN A 25 4.81 -9.05 -3.70
CA ASN A 25 5.04 -9.50 -2.32
C ASN A 25 6.02 -8.53 -1.63
N HIS A 26 5.48 -7.64 -0.79
CA HIS A 26 6.22 -6.64 0.01
C HIS A 26 5.75 -6.69 1.46
N LYS A 27 6.68 -6.79 2.44
CA LYS A 27 6.38 -7.08 3.87
C LYS A 27 5.26 -6.24 4.51
N THR A 28 5.43 -4.92 4.65
CA THR A 28 4.43 -4.08 5.35
C THR A 28 3.08 -4.08 4.65
N LEU A 29 3.09 -4.06 3.30
CA LEU A 29 1.89 -4.14 2.48
C LEU A 29 1.10 -5.43 2.74
N LYS A 30 1.79 -6.57 2.91
CA LYS A 30 1.17 -7.86 3.28
C LYS A 30 0.57 -7.84 4.69
N GLU A 31 1.19 -7.16 5.65
CA GLU A 31 0.67 -7.10 7.02
C GLU A 31 -0.64 -6.34 7.06
N TRP A 32 -0.67 -5.22 6.35
CA TRP A 32 -1.89 -4.42 6.24
C TRP A 32 -3.06 -5.20 5.60
N LYS A 33 -2.77 -6.03 4.59
CA LYS A 33 -3.79 -6.95 4.03
C LYS A 33 -4.24 -8.02 5.04
N ALA A 34 -3.33 -8.49 5.90
CA ALA A 34 -3.65 -9.44 6.95
C ALA A 34 -4.55 -8.82 8.02
N LYS A 35 -4.14 -7.64 8.49
CA LYS A 35 -4.69 -6.94 9.64
C LYS A 35 -6.04 -6.26 9.39
N TRP A 36 -6.27 -5.73 8.18
CA TRP A 36 -7.49 -4.97 7.82
C TRP A 36 -8.13 -5.43 6.49
N GLY A 37 -7.35 -5.59 5.42
CA GLY A 37 -7.81 -6.22 4.17
C GLY A 37 -7.32 -5.55 2.88
N PRO A 38 -7.21 -6.27 1.75
CA PRO A 38 -6.76 -5.70 0.47
C PRO A 38 -7.67 -4.58 -0.07
N GLU A 39 -8.99 -4.67 0.16
CA GLU A 39 -9.95 -3.64 -0.26
C GLU A 39 -9.64 -2.29 0.39
N ALA A 40 -9.40 -2.36 1.69
CA ALA A 40 -9.00 -1.23 2.52
C ALA A 40 -7.69 -0.64 2.00
N VAL A 41 -6.69 -1.51 1.89
CA VAL A 41 -5.31 -1.19 1.52
C VAL A 41 -5.23 -0.50 0.16
N GLU A 42 -5.90 -1.04 -0.85
CA GLU A 42 -5.97 -0.44 -2.18
C GLU A 42 -6.75 0.89 -2.18
N SER A 43 -7.80 1.01 -1.35
CA SER A 43 -8.60 2.24 -1.24
C SER A 43 -7.78 3.41 -0.64
N TRP A 44 -6.86 3.10 0.28
CA TRP A 44 -5.93 4.06 0.86
C TRP A 44 -4.82 4.53 -0.10
N ALA A 45 -4.65 3.90 -1.27
CA ALA A 45 -3.54 4.17 -2.17
C ALA A 45 -3.59 5.54 -2.88
N THR A 46 -2.44 5.82 -3.48
CA THR A 46 -2.01 7.03 -4.19
C THR A 46 -1.13 6.60 -5.34
N LEU A 47 -1.22 7.26 -6.50
CA LEU A 47 -0.47 6.89 -7.71
C LEU A 47 0.64 7.92 -7.97
N LEU A 48 1.87 7.41 -8.05
CA LEU A 48 3.12 8.17 -8.15
C LEU A 48 3.88 7.80 -9.43
N GLY A 49 4.28 8.84 -10.17
CA GLY A 49 4.90 8.72 -11.50
C GLY A 49 6.38 8.31 -11.51
N HIS A 50 7.07 8.40 -10.35
CA HIS A 50 8.48 8.04 -10.15
C HIS A 50 8.73 7.55 -8.70
N ALA A 4 3.14 1.20 -17.63
CA ALA A 4 4.47 1.24 -16.96
C ALA A 4 4.35 0.84 -15.48
N ARG A 5 5.45 0.38 -14.87
CA ARG A 5 5.60 0.04 -13.44
C ARG A 5 5.45 1.24 -12.47
N LYS A 6 4.32 1.92 -12.55
CA LYS A 6 3.85 3.02 -11.72
C LYS A 6 3.84 2.62 -10.25
N VAL A 7 4.48 3.46 -9.46
CA VAL A 7 4.52 3.36 -8.00
C VAL A 7 3.17 3.73 -7.41
N LYS A 8 2.70 2.91 -6.47
CA LYS A 8 1.57 3.20 -5.60
C LYS A 8 2.14 3.48 -4.23
N GLN A 9 1.85 4.67 -3.70
CA GLN A 9 2.10 4.95 -2.31
C GLN A 9 0.84 4.41 -1.60
N TYR A 10 1.05 3.88 -0.42
CA TYR A 10 -0.03 3.43 0.47
C TYR A 10 0.18 4.09 1.82
N LYS A 11 -0.89 4.51 2.48
CA LYS A 11 -0.86 5.13 3.83
C LYS A 11 -1.93 4.46 4.70
N ASN A 12 -1.61 4.20 5.96
CA ASN A 12 -2.49 3.45 6.86
C ASN A 12 -3.18 4.37 7.91
N PRO A 13 -4.51 4.59 7.81
CA PRO A 13 -5.29 5.36 8.78
C PRO A 13 -5.14 4.94 10.26
N HIS A 14 -4.84 3.66 10.51
CA HIS A 14 -4.79 3.07 11.86
C HIS A 14 -3.42 3.20 12.56
N THR A 15 -2.35 3.49 11.81
CA THR A 15 -0.96 3.54 12.33
C THR A 15 -0.20 4.82 11.97
N GLY A 16 -0.61 5.52 10.91
CA GLY A 16 0.10 6.67 10.35
C GLY A 16 1.36 6.31 9.54
N GLU A 17 1.61 5.02 9.27
CA GLU A 17 2.67 4.56 8.41
C GLU A 17 2.29 4.74 6.94
N VAL A 18 3.33 4.82 6.13
CA VAL A 18 3.31 4.98 4.67
C VAL A 18 4.32 4.03 4.03
N ILE A 19 4.07 3.70 2.78
CA ILE A 19 4.88 2.86 1.89
C ILE A 19 4.78 3.39 0.47
N GLU A 20 5.65 2.88 -0.39
CA GLU A 20 5.71 3.08 -1.85
C GLU A 20 6.25 1.81 -2.51
N THR A 21 5.46 1.23 -3.42
CA THR A 21 5.82 -0.02 -4.14
C THR A 21 5.25 0.02 -5.56
N LYS A 22 5.81 -0.74 -6.50
CA LYS A 22 5.31 -0.86 -7.89
C LYS A 22 4.42 -2.10 -8.07
N GLY A 23 4.06 -2.77 -6.97
CA GLY A 23 3.37 -4.05 -6.89
C GLY A 23 4.13 -5.08 -6.05
N GLY A 24 3.69 -6.34 -6.15
CA GLY A 24 4.37 -7.51 -5.62
C GLY A 24 4.27 -7.76 -4.10
N ASN A 25 4.73 -8.95 -3.72
CA ASN A 25 4.98 -9.41 -2.35
C ASN A 25 5.98 -8.44 -1.66
N HIS A 26 5.45 -7.53 -0.82
CA HIS A 26 6.23 -6.54 -0.04
C HIS A 26 5.82 -6.57 1.44
N LYS A 27 6.79 -6.57 2.36
CA LYS A 27 6.60 -6.82 3.82
C LYS A 27 5.43 -6.07 4.46
N THR A 28 5.53 -4.75 4.62
CA THR A 28 4.50 -3.93 5.31
C THR A 28 3.14 -4.02 4.61
N LEU A 29 3.15 -3.97 3.27
CA LEU A 29 1.95 -4.09 2.44
C LEU A 29 1.19 -5.41 2.70
N LYS A 30 1.92 -6.53 2.89
CA LYS A 30 1.33 -7.83 3.25
C LYS A 30 0.77 -7.86 4.67
N GLU A 31 1.36 -7.13 5.63
CA GLU A 31 0.80 -7.06 6.99
C GLU A 31 -0.52 -6.31 7.01
N TRP A 32 -0.58 -5.20 6.27
CA TRP A 32 -1.81 -4.41 6.17
C TRP A 32 -2.97 -5.20 5.54
N LYS A 33 -2.68 -6.06 4.56
CA LYS A 33 -3.69 -7.00 4.01
C LYS A 33 -4.16 -8.03 5.05
N ALA A 34 -3.25 -8.50 5.92
CA ALA A 34 -3.60 -9.43 6.99
C ALA A 34 -4.51 -8.76 8.02
N LYS A 35 -4.09 -7.56 8.44
CA LYS A 35 -4.64 -6.81 9.55
C LYS A 35 -5.99 -6.14 9.26
N TRP A 36 -6.22 -5.70 8.02
CA TRP A 36 -7.44 -4.95 7.60
C TRP A 36 -8.04 -5.45 6.27
N GLY A 37 -7.25 -5.59 5.20
CA GLY A 37 -7.68 -6.25 3.95
C GLY A 37 -7.17 -5.60 2.65
N PRO A 38 -7.03 -6.37 1.55
CA PRO A 38 -6.52 -5.85 0.27
C PRO A 38 -7.38 -4.74 -0.35
N GLU A 39 -8.71 -4.81 -0.17
CA GLU A 39 -9.64 -3.79 -0.67
C GLU A 39 -9.39 -2.44 0.00
N ALA A 40 -9.24 -2.49 1.32
CA ALA A 40 -8.91 -1.36 2.18
C ALA A 40 -7.58 -0.74 1.73
N VAL A 41 -6.57 -1.60 1.65
CA VAL A 41 -5.20 -1.26 1.33
C VAL A 41 -5.08 -0.55 -0.02
N GLU A 42 -5.73 -1.09 -1.06
CA GLU A 42 -5.78 -0.44 -2.38
C GLU A 42 -6.58 0.87 -2.36
N SER A 43 -7.66 0.93 -1.57
CA SER A 43 -8.50 2.14 -1.46
C SER A 43 -7.73 3.31 -0.81
N TRP A 44 -6.82 3.02 0.11
CA TRP A 44 -5.93 4.00 0.74
C TRP A 44 -4.81 4.51 -0.20
N ALA A 45 -4.59 3.88 -1.36
CA ALA A 45 -3.46 4.19 -2.22
C ALA A 45 -3.53 5.56 -2.93
N THR A 46 -2.38 5.86 -3.50
CA THR A 46 -1.98 7.08 -4.21
C THR A 46 -1.07 6.67 -5.36
N LEU A 47 -1.17 7.32 -6.52
CA LEU A 47 -0.43 6.94 -7.73
C LEU A 47 0.69 7.97 -7.99
N LEU A 48 1.92 7.47 -8.07
CA LEU A 48 3.16 8.24 -8.15
C LEU A 48 3.93 7.88 -9.44
N GLY A 49 4.26 8.92 -10.21
CA GLY A 49 4.87 8.80 -11.55
C GLY A 49 6.40 8.63 -11.56
N HIS A 50 7.07 8.93 -10.43
CA HIS A 50 8.53 8.84 -10.24
C HIS A 50 8.88 8.51 -8.79
N ALA A 4 3.42 1.88 -17.90
CA ALA A 4 4.71 1.73 -17.17
C ALA A 4 4.50 1.18 -15.77
N ARG A 5 5.52 0.56 -15.17
CA ARG A 5 5.56 0.05 -13.77
C ARG A 5 5.47 1.19 -12.73
N LYS A 6 4.33 1.87 -12.67
CA LYS A 6 3.96 2.96 -11.77
C LYS A 6 3.94 2.47 -10.31
N VAL A 7 4.49 3.32 -9.47
CA VAL A 7 4.48 3.20 -8.01
C VAL A 7 3.11 3.57 -7.43
N LYS A 8 2.63 2.78 -6.48
CA LYS A 8 1.50 3.10 -5.63
C LYS A 8 2.07 3.34 -4.24
N GLN A 9 1.81 4.52 -3.69
CA GLN A 9 2.08 4.78 -2.29
C GLN A 9 0.83 4.25 -1.57
N TYR A 10 1.04 3.71 -0.38
CA TYR A 10 -0.04 3.31 0.51
C TYR A 10 0.22 3.96 1.87
N LYS A 11 -0.84 4.40 2.57
CA LYS A 11 -0.77 5.01 3.90
C LYS A 11 -1.85 4.38 4.79
N ASN A 12 -1.52 4.06 6.04
CA ASN A 12 -2.43 3.31 6.92
C ASN A 12 -3.04 4.21 8.03
N PRO A 13 -4.36 4.49 7.99
CA PRO A 13 -5.07 5.26 9.01
C PRO A 13 -4.92 4.73 10.46
N HIS A 14 -4.67 3.43 10.64
CA HIS A 14 -4.61 2.74 11.94
C HIS A 14 -3.22 2.74 12.60
N THR A 15 -2.16 3.05 11.85
CA THR A 15 -0.76 3.02 12.32
C THR A 15 0.02 4.31 12.05
N GLY A 16 -0.41 5.12 11.09
CA GLY A 16 0.30 6.30 10.61
C GLY A 16 1.54 5.98 9.74
N GLU A 17 1.74 4.72 9.34
CA GLU A 17 2.80 4.30 8.44
C GLU A 17 2.40 4.52 6.98
N VAL A 18 3.42 4.59 6.15
CA VAL A 18 3.38 4.76 4.71
C VAL A 18 4.38 3.82 4.04
N ILE A 19 4.10 3.50 2.78
CA ILE A 19 4.89 2.65 1.88
C ILE A 19 4.78 3.19 0.46
N GLU A 20 5.64 2.66 -0.41
CA GLU A 20 5.70 2.87 -1.86
C GLU A 20 6.18 1.58 -2.54
N THR A 21 5.37 1.02 -3.44
CA THR A 21 5.70 -0.22 -4.18
C THR A 21 5.11 -0.15 -5.59
N LYS A 22 5.70 -0.86 -6.57
CA LYS A 22 5.16 -0.97 -7.94
C LYS A 22 4.34 -2.27 -8.12
N GLY A 23 4.05 -2.95 -7.01
CA GLY A 23 3.42 -4.26 -6.91
C GLY A 23 4.19 -5.24 -6.04
N GLY A 24 3.82 -6.52 -6.17
CA GLY A 24 4.52 -7.66 -5.60
C GLY A 24 4.38 -7.90 -4.09
N ASN A 25 4.84 -9.08 -3.68
CA ASN A 25 5.06 -9.52 -2.31
C ASN A 25 6.03 -8.55 -1.61
N HIS A 26 5.48 -7.65 -0.77
CA HIS A 26 6.22 -6.66 0.03
C HIS A 26 5.74 -6.72 1.49
N LYS A 27 6.65 -6.94 2.45
CA LYS A 27 6.33 -7.24 3.87
C LYS A 27 5.23 -6.38 4.50
N THR A 28 5.43 -5.07 4.66
CA THR A 28 4.45 -4.19 5.33
C THR A 28 3.08 -4.21 4.64
N LEU A 29 3.09 -4.19 3.31
CA LEU A 29 1.87 -4.24 2.48
C LEU A 29 1.09 -5.54 2.72
N LYS A 30 1.79 -6.67 2.90
CA LYS A 30 1.16 -7.96 3.25
C LYS A 30 0.60 -7.98 4.67
N GLU A 31 1.18 -7.27 5.63
CA GLU A 31 0.64 -7.21 6.99
C GLU A 31 -0.66 -6.42 7.03
N TRP A 32 -0.69 -5.31 6.30
CA TRP A 32 -1.90 -4.49 6.21
C TRP A 32 -3.08 -5.23 5.57
N LYS A 33 -2.81 -6.08 4.55
CA LYS A 33 -3.83 -6.98 3.98
C LYS A 33 -4.29 -8.04 4.98
N ALA A 34 -3.43 -8.49 5.89
CA ALA A 34 -3.79 -9.44 6.93
C ALA A 34 -4.68 -8.78 7.99
N LYS A 35 -4.20 -7.63 8.49
CA LYS A 35 -4.75 -6.93 9.64
C LYS A 35 -6.05 -6.17 9.39
N TRP A 36 -6.30 -5.71 8.15
CA TRP A 36 -7.52 -4.96 7.78
C TRP A 36 -8.15 -5.42 6.46
N GLY A 37 -7.37 -5.57 5.38
CA GLY A 37 -7.82 -6.20 4.12
C GLY A 37 -7.34 -5.53 2.84
N PRO A 38 -7.22 -6.24 1.71
CA PRO A 38 -6.78 -5.67 0.43
C PRO A 38 -7.69 -4.54 -0.09
N GLU A 39 -9.00 -4.62 0.14
CA GLU A 39 -9.97 -3.59 -0.28
C GLU A 39 -9.65 -2.24 0.38
N ALA A 40 -9.40 -2.32 1.69
CA ALA A 40 -8.99 -1.19 2.52
C ALA A 40 -7.69 -0.61 2.00
N VAL A 41 -6.69 -1.48 1.89
CA VAL A 41 -5.32 -1.17 1.53
C VAL A 41 -5.23 -0.47 0.17
N GLU A 42 -5.91 -1.00 -0.85
CA GLU A 42 -5.97 -0.38 -2.17
C GLU A 42 -6.75 0.95 -2.15
N SER A 43 -7.79 1.06 -1.32
CA SER A 43 -8.59 2.29 -1.20
C SER A 43 -7.79 3.45 -0.58
N TRP A 44 -6.84 3.15 0.31
CA TRP A 44 -5.91 4.13 0.87
C TRP A 44 -4.81 4.61 -0.10
N ALA A 45 -4.62 3.96 -1.26
CA ALA A 45 -3.49 4.22 -2.14
C ALA A 45 -3.52 5.58 -2.85
N THR A 46 -2.37 5.86 -3.43
CA THR A 46 -1.93 7.05 -4.15
C THR A 46 -1.05 6.61 -5.31
N LEU A 47 -1.13 7.29 -6.46
CA LEU A 47 -0.39 6.92 -7.68
C LEU A 47 0.75 7.92 -7.91
N LEU A 48 1.97 7.38 -7.99
CA LEU A 48 3.24 8.09 -8.09
C LEU A 48 4.00 7.66 -9.35
N GLY A 49 4.56 8.65 -10.04
CA GLY A 49 5.35 8.47 -11.27
C GLY A 49 6.64 7.65 -11.10
N HIS A 50 7.15 7.10 -12.20
CA HIS A 50 8.38 6.31 -12.31
C HIS A 50 8.97 6.40 -13.72
N ALA A 4 3.51 1.81 -17.88
CA ALA A 4 4.78 1.73 -17.10
C ALA A 4 4.54 1.14 -15.72
N ARG A 5 5.59 0.57 -15.09
CA ARG A 5 5.60 0.04 -13.70
C ARG A 5 5.45 1.15 -12.63
N LYS A 6 4.32 1.88 -12.69
CA LYS A 6 3.88 2.95 -11.79
C LYS A 6 3.87 2.49 -10.34
N VAL A 7 4.44 3.36 -9.52
CA VAL A 7 4.44 3.26 -8.06
C VAL A 7 3.09 3.64 -7.47
N LYS A 8 2.61 2.85 -6.51
CA LYS A 8 1.49 3.18 -5.66
C LYS A 8 2.05 3.41 -4.26
N GLN A 9 1.78 4.58 -3.71
CA GLN A 9 2.03 4.85 -2.31
C GLN A 9 0.78 4.31 -1.60
N TYR A 10 0.99 3.78 -0.41
CA TYR A 10 -0.08 3.35 0.48
C TYR A 10 0.16 3.98 1.86
N LYS A 11 -0.90 4.40 2.55
CA LYS A 11 -0.84 4.98 3.90
C LYS A 11 -1.88 4.33 4.80
N ASN A 12 -1.54 4.08 6.06
CA ASN A 12 -2.39 3.32 6.99
C ASN A 12 -3.04 4.23 8.05
N PRO A 13 -4.36 4.47 8.00
CA PRO A 13 -5.10 5.26 9.00
C PRO A 13 -4.94 4.81 10.46
N HIS A 14 -4.64 3.53 10.70
CA HIS A 14 -4.57 2.92 12.05
C HIS A 14 -3.18 3.03 12.70
N THR A 15 -2.12 3.27 11.92
CA THR A 15 -0.71 3.24 12.40
C THR A 15 0.11 4.48 12.03
N GLY A 16 -0.32 5.27 11.03
CA GLY A 16 0.45 6.40 10.48
C GLY A 16 1.68 5.98 9.65
N GLU A 17 1.81 4.69 9.30
CA GLU A 17 2.81 4.17 8.39
C GLU A 17 2.40 4.51 6.95
N VAL A 18 3.42 4.68 6.12
CA VAL A 18 3.34 4.86 4.68
C VAL A 18 4.36 3.93 3.99
N ILE A 19 4.07 3.60 2.74
CA ILE A 19 4.86 2.76 1.84
C ILE A 19 4.75 3.30 0.41
N GLU A 20 5.61 2.79 -0.46
CA GLU A 20 5.65 3.01 -1.90
C GLU A 20 6.16 1.73 -2.58
N THR A 21 5.36 1.15 -3.48
CA THR A 21 5.70 -0.10 -4.19
C THR A 21 5.12 -0.06 -5.61
N LYS A 22 5.73 -0.76 -6.58
CA LYS A 22 5.22 -0.89 -7.95
C LYS A 22 4.34 -2.15 -8.13
N GLY A 23 4.05 -2.84 -7.01
CA GLY A 23 3.40 -4.13 -6.93
C GLY A 23 4.16 -5.14 -6.07
N GLY A 24 3.75 -6.41 -6.19
CA GLY A 24 4.45 -7.57 -5.65
C GLY A 24 4.32 -7.80 -4.14
N ASN A 25 4.78 -8.99 -3.73
CA ASN A 25 5.00 -9.43 -2.36
C ASN A 25 5.98 -8.45 -1.67
N HIS A 26 5.44 -7.56 -0.81
CA HIS A 26 6.19 -6.59 -0.01
C HIS A 26 5.76 -6.65 1.46
N LYS A 27 6.70 -6.71 2.41
CA LYS A 27 6.45 -7.01 3.84
C LYS A 27 5.33 -6.20 4.51
N THR A 28 5.49 -4.88 4.68
CA THR A 28 4.50 -4.04 5.39
C THR A 28 3.13 -4.07 4.70
N LEU A 29 3.13 -4.03 3.37
CA LEU A 29 1.92 -4.11 2.54
C LEU A 29 1.14 -5.41 2.80
N LYS A 30 1.84 -6.54 2.99
CA LYS A 30 1.22 -7.83 3.35
C LYS A 30 0.63 -7.83 4.75
N GLU A 31 1.25 -7.15 5.72
CA GLU A 31 0.71 -7.10 7.08
C GLU A 31 -0.60 -6.34 7.12
N TRP A 32 -0.65 -5.23 6.40
CA TRP A 32 -1.88 -4.44 6.29
C TRP A 32 -3.03 -5.22 5.65
N LYS A 33 -2.75 -6.06 4.63
CA LYS A 33 -3.74 -6.97 4.04
C LYS A 33 -4.20 -8.04 5.03
N ALA A 34 -3.31 -8.51 5.91
CA ALA A 34 -3.65 -9.47 6.96
C ALA A 34 -4.57 -8.84 8.02
N LYS A 35 -4.15 -7.66 8.49
CA LYS A 35 -4.71 -6.97 9.64
C LYS A 35 -6.05 -6.28 9.38
N TRP A 36 -6.28 -5.76 8.16
CA TRP A 36 -7.50 -5.01 7.80
C TRP A 36 -8.13 -5.46 6.47
N GLY A 37 -7.33 -5.64 5.40
CA GLY A 37 -7.78 -6.26 4.14
C GLY A 37 -7.27 -5.59 2.86
N PRO A 38 -7.15 -6.30 1.73
CA PRO A 38 -6.69 -5.73 0.46
C PRO A 38 -7.61 -4.62 -0.09
N GLU A 39 -8.93 -4.71 0.13
CA GLU A 39 -9.89 -3.69 -0.30
C GLU A 39 -9.59 -2.34 0.36
N ALA A 40 -9.36 -2.41 1.66
CA ALA A 40 -8.97 -1.28 2.50
C ALA A 40 -7.66 -0.69 1.99
N VAL A 41 -6.65 -1.55 1.88
CA VAL A 41 -5.28 -1.22 1.53
C VAL A 41 -5.20 -0.52 0.17
N GLU A 42 -5.86 -1.07 -0.86
CA GLU A 42 -5.92 -0.44 -2.18
C GLU A 42 -6.71 0.88 -2.18
N SER A 43 -7.77 0.98 -1.36
CA SER A 43 -8.57 2.20 -1.23
C SER A 43 -7.76 3.37 -0.63
N TRP A 44 -6.84 3.06 0.29
CA TRP A 44 -5.91 4.03 0.88
C TRP A 44 -4.80 4.50 -0.08
N ALA A 45 -4.63 3.89 -1.25
CA ALA A 45 -3.52 4.17 -2.14
C ALA A 45 -3.58 5.54 -2.83
N THR A 46 -2.44 5.84 -3.43
CA THR A 46 -2.03 7.05 -4.13
C THR A 46 -1.14 6.65 -5.30
N LEU A 47 -1.32 7.26 -6.47
CA LEU A 47 -0.57 6.95 -7.69
C LEU A 47 0.58 7.94 -7.86
N LEU A 48 1.80 7.41 -8.05
CA LEU A 48 3.05 8.14 -8.16
C LEU A 48 3.79 7.77 -9.46
N GLY A 49 4.04 8.79 -10.27
CA GLY A 49 4.65 8.65 -11.61
C GLY A 49 6.14 8.28 -11.61
N HIS A 50 6.85 8.53 -10.51
CA HIS A 50 8.27 8.23 -10.30
C HIS A 50 8.62 7.99 -8.81
N ALA A 4 3.24 1.18 -17.71
CA ALA A 4 4.51 1.34 -16.96
C ALA A 4 4.38 0.85 -15.52
N ARG A 5 5.48 0.45 -14.88
CA ARG A 5 5.61 0.06 -13.47
C ARG A 5 5.43 1.24 -12.48
N LYS A 6 4.27 1.91 -12.56
CA LYS A 6 3.79 2.98 -11.69
C LYS A 6 3.84 2.55 -10.24
N VAL A 7 4.47 3.40 -9.45
CA VAL A 7 4.52 3.31 -7.99
C VAL A 7 3.16 3.67 -7.39
N LYS A 8 2.70 2.86 -6.44
CA LYS A 8 1.56 3.16 -5.58
C LYS A 8 2.14 3.44 -4.21
N GLN A 9 1.87 4.63 -3.69
CA GLN A 9 2.12 4.92 -2.30
C GLN A 9 0.88 4.41 -1.58
N TYR A 10 1.07 3.86 -0.40
CA TYR A 10 0.00 3.42 0.48
C TYR A 10 0.21 4.06 1.84
N LYS A 11 -0.87 4.50 2.51
CA LYS A 11 -0.82 5.09 3.85
C LYS A 11 -1.90 4.43 4.71
N ASN A 12 -1.59 4.15 5.97
CA ASN A 12 -2.48 3.42 6.87
C ASN A 12 -3.16 4.33 7.91
N PRO A 13 -4.48 4.59 7.82
CA PRO A 13 -5.25 5.38 8.80
C PRO A 13 -5.12 4.94 10.26
N HIS A 14 -4.83 3.65 10.52
CA HIS A 14 -4.78 3.05 11.87
C HIS A 14 -3.41 3.17 12.57
N THR A 15 -2.34 3.46 11.81
CA THR A 15 -0.95 3.48 12.33
C THR A 15 -0.17 4.75 11.98
N GLY A 16 -0.58 5.47 10.92
CA GLY A 16 0.16 6.62 10.37
C GLY A 16 1.42 6.23 9.58
N GLU A 17 1.65 4.94 9.29
CA GLU A 17 2.71 4.48 8.42
C GLU A 17 2.32 4.67 6.96
N VAL A 18 3.36 4.76 6.15
CA VAL A 18 3.33 4.92 4.70
C VAL A 18 4.36 3.97 4.05
N ILE A 19 4.09 3.63 2.80
CA ILE A 19 4.90 2.79 1.90
C ILE A 19 4.80 3.33 0.47
N GLU A 20 5.66 2.81 -0.39
CA GLU A 20 5.71 3.01 -1.84
C GLU A 20 6.24 1.72 -2.51
N THR A 21 5.45 1.16 -3.42
CA THR A 21 5.79 -0.09 -4.13
C THR A 21 5.21 -0.06 -5.55
N LYS A 22 5.77 -0.82 -6.49
CA LYS A 22 5.25 -0.94 -7.87
C LYS A 22 4.36 -2.19 -8.06
N GLY A 23 4.02 -2.85 -6.95
CA GLY A 23 3.35 -4.14 -6.86
C GLY A 23 4.12 -5.16 -6.00
N GLY A 24 3.71 -6.42 -6.11
CA GLY A 24 4.41 -7.59 -5.58
C GLY A 24 4.31 -7.83 -4.06
N ASN A 25 4.79 -9.02 -3.67
CA ASN A 25 5.03 -9.48 -2.31
C ASN A 25 6.03 -8.51 -1.62
N HIS A 26 5.51 -7.59 -0.78
CA HIS A 26 6.28 -6.61 0.00
C HIS A 26 5.82 -6.65 1.46
N LYS A 27 6.75 -6.74 2.44
CA LYS A 27 6.46 -7.02 3.87
C LYS A 27 5.31 -6.20 4.48
N THR A 28 5.47 -4.88 4.63
CA THR A 28 4.45 -4.02 5.32
C THR A 28 3.09 -4.07 4.61
N LEU A 29 3.10 -4.05 3.28
CA LEU A 29 1.91 -4.14 2.44
C LEU A 29 1.14 -5.45 2.70
N LYS A 30 1.85 -6.57 2.89
CA LYS A 30 1.25 -7.87 3.25
C LYS A 30 0.67 -7.90 4.66
N GLU A 31 1.24 -7.17 5.62
CA GLU A 31 0.69 -7.10 6.97
C GLU A 31 -0.63 -6.34 6.98
N TRP A 32 -0.66 -5.22 6.26
CA TRP A 32 -1.89 -4.42 6.15
C TRP A 32 -3.05 -5.20 5.51
N LYS A 33 -2.77 -6.07 4.53
CA LYS A 33 -3.77 -7.00 3.97
C LYS A 33 -4.25 -8.03 5.00
N ALA A 34 -3.37 -8.51 5.88
CA ALA A 34 -3.71 -9.44 6.94
C ALA A 34 -4.63 -8.76 7.99
N LYS A 35 -4.21 -7.56 8.41
CA LYS A 35 -4.76 -6.83 9.53
C LYS A 35 -6.10 -6.14 9.23
N TRP A 36 -6.32 -5.69 7.99
CA TRP A 36 -7.53 -4.95 7.57
C TRP A 36 -8.14 -5.43 6.24
N GLY A 37 -7.34 -5.57 5.16
CA GLY A 37 -7.77 -6.22 3.91
C GLY A 37 -7.23 -5.59 2.62
N PRO A 38 -7.08 -6.33 1.51
CA PRO A 38 -6.57 -5.81 0.24
C PRO A 38 -7.43 -4.70 -0.38
N GLU A 39 -8.76 -4.75 -0.20
CA GLU A 39 -9.69 -3.73 -0.69
C GLU A 39 -9.42 -2.38 -0.02
N ALA A 40 -9.26 -2.44 1.31
CA ALA A 40 -8.94 -1.31 2.16
C ALA A 40 -7.61 -0.70 1.72
N VAL A 41 -6.59 -1.57 1.64
CA VAL A 41 -5.22 -1.25 1.33
C VAL A 41 -5.09 -0.53 -0.02
N GLU A 42 -5.73 -1.06 -1.07
CA GLU A 42 -5.79 -0.41 -2.39
C GLU A 42 -6.59 0.91 -2.35
N SER A 43 -7.66 0.98 -1.56
CA SER A 43 -8.49 2.19 -1.44
C SER A 43 -7.75 3.35 -0.76
N TRP A 44 -6.80 3.05 0.13
CA TRP A 44 -5.91 4.03 0.75
C TRP A 44 -4.78 4.53 -0.18
N ALA A 45 -4.58 3.92 -1.35
CA ALA A 45 -3.44 4.21 -2.21
C ALA A 45 -3.50 5.58 -2.89
N THR A 46 -2.34 5.88 -3.46
CA THR A 46 -1.93 7.10 -4.18
C THR A 46 -1.04 6.68 -5.33
N LEU A 47 -1.16 7.32 -6.49
CA LEU A 47 -0.45 6.95 -7.72
C LEU A 47 0.69 7.94 -7.98
N LEU A 48 1.90 7.41 -8.04
CA LEU A 48 3.17 8.14 -8.16
C LEU A 48 3.91 7.74 -9.45
N GLY A 49 4.20 8.76 -10.26
CA GLY A 49 4.81 8.58 -11.59
C GLY A 49 6.31 8.22 -11.58
N HIS A 50 7.01 8.48 -10.47
CA HIS A 50 8.44 8.18 -10.26
C HIS A 50 8.76 7.97 -8.76
#